data_9ERD
#
_entry.id   9ERD
#
_cell.length_a   1.00
_cell.length_b   1.00
_cell.length_c   1.00
_cell.angle_alpha   90.00
_cell.angle_beta   90.00
_cell.angle_gamma   90.00
#
_symmetry.space_group_name_H-M   'P 1'
#
loop_
_entity.id
_entity.type
_entity.pdbx_description
1 polymer 'Schlafen family member 11'
2 non-polymer 'MAGNESIUM ION'
3 non-polymer "ADENOSINE-5'-TRIPHOSPHATE"
4 non-polymer 'ZINC ION'
#
_entity_poly.entity_id   1
_entity_poly.type   'polypeptide(L)'
_entity_poly.pdbx_seq_one_letter_code
;MADYKDDDDKGTDYKDDDDKLEVLFQGPMEANQCPLVVEPSYPDLVINVGEVTLGEENRKKLQKIQRDQEKERVMRAACA
LLNSGGGVIRMAKKVEHPVEMGLDLEQSLRELIQSSDLQAFFETKQQGRCFYIFVKSWSSGPFPEDRSVKPRLCSLSSSL
YRRSETSVRSMDSREAFCFLKTKRKPKILEEGPFHKIHKGVYQELPNSDPADPNSDPADLIFQKDYLEYGEILPFPESQL
VEFKQFSTKHFQEYVKRTIPEYVPAFANTGGGYLFIGVDDKSREVLGCAKENVDPDSLRRKIEQAIYKLPCVHFCQPQRP
ITFTLKIVNVLKRGELYGYACMIRVNPFCCAVFSEAPNSWIVEDKYVCSLTTEKWVGMMTDTDPDLLQLSEDFECQLSLS
SGPPLSRPVYSKKGLEHKKELQQLLFSVPPGYLRYTPESLWRDLISEHRGLEELINKQMQPFFRGILIFSRSWAVDLNLQ
EKPGVICDALLIAQNSTPILYTILREQDAEGQDYCTRTAFTLKQKLVNMGGYTGKVCVRAKVLCLSPESSAEALEAAVSP
MDYPASYSLAGTQHMEALLQSLVIVLLGFRSLLSDQLGCEVLNLLTAQQYEIFSRSLRKNRELFVHGLPGSGKTIMAMKI
MEKIRNVFHCEAHRILYVCENQPLRNFISDRNICRAETRKTFLRENFEHIQHIVIDEAQNFRTEDGDWYGKAKSITRRAK
GGPGILWIFLDYFQTSHLDCSGLPPLSDQYPREELTRIVRNADPIAKYLQKEMQVIRSNPDFNIPTGCLEVFPEAEWSQG
VQGTLRIKKYLTVEQIMTCVADTCRRFFDRGYSPKDVAVLVSTAKEVEHYKYELLKAMRKKRVVQLSDACDMLGDHIVLD
SVRRFSGLERSIVFGIHPRTADPAILPNVLICLASRAKQHLYIFPWGGH
;
_entity_poly.pdbx_strand_id   A
#
loop_
_chem_comp.id
_chem_comp.type
_chem_comp.name
_chem_comp.formula
ATP non-polymer ADENOSINE-5'-TRIPHOSPHATE 'C10 H16 N5 O13 P3'
MG non-polymer 'MAGNESIUM ION' 'Mg 2'
ZN non-polymer 'ZINC ION' 'Zn 2'
#
# COMPACT_ATOMS: atom_id res chain seq x y z
N PRO A 35 -0.88 24.02 -18.30
CA PRO A 35 -0.64 22.82 -17.50
C PRO A 35 -1.37 21.59 -18.04
N LEU A 36 -0.87 20.41 -17.72
CA LEU A 36 -1.58 19.19 -18.05
C LEU A 36 -2.90 19.15 -17.30
N VAL A 37 -3.95 18.69 -17.99
CA VAL A 37 -5.29 18.67 -17.44
C VAL A 37 -5.83 17.25 -17.54
N VAL A 38 -6.48 16.79 -16.47
CA VAL A 38 -7.10 15.48 -16.41
C VAL A 38 -8.60 15.66 -16.52
N GLU A 39 -9.22 14.96 -17.46
CA GLU A 39 -10.66 15.02 -17.67
C GLU A 39 -11.34 13.89 -16.92
N PRO A 40 -12.42 14.15 -16.17
CA PRO A 40 -13.01 13.09 -15.35
C PRO A 40 -14.04 12.23 -16.06
N SER A 41 -14.60 12.70 -17.17
CA SER A 41 -15.76 12.04 -17.77
C SER A 41 -15.42 10.73 -18.46
N TYR A 42 -14.24 10.12 -18.29
CA TYR A 42 -13.89 8.92 -19.02
C TYR A 42 -13.73 7.75 -18.06
N PRO A 43 -13.92 6.51 -18.54
CA PRO A 43 -13.75 5.35 -17.68
C PRO A 43 -12.32 4.94 -17.44
N ASP A 44 -11.35 5.73 -17.89
CA ASP A 44 -9.94 5.46 -17.60
C ASP A 44 -9.19 6.76 -17.73
N LEU A 45 -8.01 6.80 -17.14
CA LEU A 45 -7.30 8.05 -16.90
C LEU A 45 -6.89 8.68 -18.23
N VAL A 46 -7.37 9.90 -18.48
CA VAL A 46 -7.18 10.58 -19.75
C VAL A 46 -6.44 11.88 -19.48
N ILE A 47 -5.37 12.12 -20.23
CA ILE A 47 -4.59 13.34 -20.14
C ILE A 47 -4.64 14.03 -21.51
N ASN A 48 -5.07 15.28 -21.52
CA ASN A 48 -5.11 16.08 -22.74
C ASN A 48 -4.00 17.12 -22.70
N VAL A 49 -3.17 17.15 -23.74
CA VAL A 49 -1.97 17.96 -23.75
C VAL A 49 -2.11 19.20 -24.61
N GLY A 50 -3.31 19.55 -25.01
CA GLY A 50 -3.51 20.72 -25.86
C GLY A 50 -3.07 20.45 -27.29
N GLU A 51 -2.74 21.54 -27.99
CA GLU A 51 -2.34 21.42 -29.38
C GLU A 51 -0.95 20.83 -29.50
N VAL A 52 -0.76 19.96 -30.48
CA VAL A 52 0.54 19.36 -30.79
C VAL A 52 0.63 19.20 -32.31
N THR A 53 1.84 19.38 -32.84
CA THR A 53 2.09 19.20 -34.26
C THR A 53 3.06 18.04 -34.45
N LEU A 54 2.65 17.04 -35.22
CA LEU A 54 3.42 15.82 -35.43
C LEU A 54 3.75 15.67 -36.90
N GLY A 55 4.56 14.65 -37.18
CA GLY A 55 5.07 14.44 -38.52
C GLY A 55 6.41 15.11 -38.66
N GLU A 56 7.48 14.33 -38.80
CA GLU A 56 8.83 14.91 -38.75
C GLU A 56 8.98 16.01 -39.78
N GLU A 57 8.46 15.81 -40.99
CA GLU A 57 8.48 16.86 -42.00
C GLU A 57 7.81 18.13 -41.47
N ASN A 58 6.65 17.99 -40.83
CA ASN A 58 5.98 19.15 -40.27
C ASN A 58 6.65 19.62 -38.98
N ARG A 59 7.16 18.69 -38.18
CA ARG A 59 7.69 19.06 -36.86
C ARG A 59 8.98 19.85 -36.97
N LYS A 60 9.92 19.37 -37.79
CA LYS A 60 11.25 19.98 -37.80
C LYS A 60 11.23 21.44 -38.22
N LYS A 61 10.17 21.90 -38.87
CA LYS A 61 10.07 23.32 -39.19
C LYS A 61 10.01 24.17 -37.93
N LEU A 62 9.40 23.65 -36.87
CA LEU A 62 9.17 24.46 -35.67
C LEU A 62 10.48 24.74 -34.94
N GLN A 63 10.57 25.93 -34.35
CA GLN A 63 11.71 26.28 -33.53
C GLN A 63 11.71 25.47 -32.24
N LYS A 64 12.89 25.34 -31.63
CA LYS A 64 13.02 24.49 -30.45
C LYS A 64 12.25 25.05 -29.27
N ILE A 65 12.18 26.38 -29.12
CA ILE A 65 11.55 26.98 -27.95
C ILE A 65 10.06 26.67 -27.91
N GLN A 66 9.56 26.01 -28.95
CA GLN A 66 8.21 25.46 -28.94
C GLN A 66 8.20 23.96 -29.17
N ARG A 67 9.03 23.46 -30.08
CA ARG A 67 9.10 22.03 -30.33
C ARG A 67 9.43 21.27 -29.06
N ASP A 68 10.51 21.66 -28.38
CA ASP A 68 10.90 20.99 -27.15
C ASP A 68 9.90 21.24 -26.03
N GLN A 69 9.26 22.41 -26.01
CA GLN A 69 8.24 22.67 -25.00
C GLN A 69 7.10 21.67 -25.11
N GLU A 70 6.58 21.47 -26.32
CA GLU A 70 5.49 20.52 -26.49
C GLU A 70 5.97 19.09 -26.29
N LYS A 71 7.19 18.76 -26.74
CA LYS A 71 7.72 17.43 -26.45
C LYS A 71 7.77 17.20 -24.96
N GLU A 72 8.12 18.22 -24.19
CA GLU A 72 8.20 18.05 -22.74
C GLU A 72 6.82 17.91 -22.12
N ARG A 73 5.81 18.63 -22.64
CA ARG A 73 4.46 18.42 -22.13
C ARG A 73 3.99 17.00 -22.36
N VAL A 74 4.17 16.50 -23.59
CA VAL A 74 3.81 15.11 -23.88
C VAL A 74 4.61 14.17 -23.01
N MET A 75 5.87 14.53 -22.72
CA MET A 75 6.72 13.63 -21.95
C MET A 75 6.23 13.58 -20.50
N ARG A 76 5.80 14.73 -19.98
CA ARG A 76 5.17 14.77 -18.66
C ARG A 76 3.98 13.83 -18.62
N ALA A 77 3.10 13.93 -19.61
CA ALA A 77 1.93 13.05 -19.63
C ALA A 77 2.36 11.58 -19.63
N ALA A 78 3.24 11.19 -20.55
CA ALA A 78 3.60 9.80 -20.68
C ALA A 78 4.30 9.29 -19.42
N CYS A 79 5.18 10.09 -18.84
CA CYS A 79 5.85 9.68 -17.62
C CYS A 79 4.85 9.51 -16.48
N ALA A 80 3.91 10.42 -16.36
CA ALA A 80 2.93 10.32 -15.28
C ALA A 80 2.12 9.05 -15.40
N LEU A 81 1.67 8.73 -16.61
CA LEU A 81 0.74 7.61 -16.76
C LEU A 81 1.43 6.27 -16.65
N LEU A 82 2.72 6.18 -16.97
CA LEU A 82 3.39 4.89 -16.86
C LEU A 82 3.55 4.47 -15.42
N ASN A 83 3.34 5.38 -14.46
CA ASN A 83 3.51 5.04 -13.05
C ASN A 83 2.18 4.93 -12.32
N SER A 84 1.17 5.69 -12.77
CA SER A 84 -0.10 5.81 -12.06
C SER A 84 -1.13 4.81 -12.53
N GLY A 85 -0.71 3.64 -13.00
CA GLY A 85 -1.67 2.62 -13.39
C GLY A 85 -2.26 2.78 -14.77
N GLY A 86 -1.49 3.28 -15.73
CA GLY A 86 -1.93 3.32 -17.11
C GLY A 86 -2.91 4.44 -17.39
N GLY A 87 -3.28 4.56 -18.66
CA GLY A 87 -4.21 5.58 -19.08
C GLY A 87 -4.15 5.79 -20.58
N VAL A 88 -4.68 6.94 -21.00
CA VAL A 88 -4.74 7.34 -22.41
C VAL A 88 -4.30 8.79 -22.50
N ILE A 89 -3.55 9.11 -23.54
CA ILE A 89 -3.10 10.48 -23.82
C ILE A 89 -3.90 11.01 -24.98
N ARG A 90 -4.38 12.25 -24.86
CA ARG A 90 -5.37 12.81 -25.78
C ARG A 90 -4.82 14.12 -26.37
N MET A 91 -4.11 14.01 -27.48
CA MET A 91 -3.51 15.18 -28.13
C MET A 91 -4.46 15.72 -29.19
N ALA A 92 -4.70 17.02 -29.15
CA ALA A 92 -5.48 17.69 -30.18
C ALA A 92 -4.56 18.25 -31.25
N LYS A 93 -5.06 18.32 -32.47
CA LYS A 93 -4.28 18.81 -33.59
C LYS A 93 -5.20 19.48 -34.59
N LYS A 94 -4.60 20.27 -35.48
CA LYS A 94 -5.32 20.98 -36.53
C LYS A 94 -4.96 20.48 -37.92
N VAL A 95 -4.47 19.24 -38.01
CA VAL A 95 -4.22 18.57 -39.28
C VAL A 95 -4.95 17.24 -39.27
N GLU A 96 -5.70 16.95 -40.33
CA GLU A 96 -6.68 15.87 -40.32
C GLU A 96 -6.17 14.59 -40.97
N HIS A 97 -5.13 14.65 -41.80
CA HIS A 97 -4.63 13.46 -42.44
C HIS A 97 -3.91 12.56 -41.44
N PRO A 98 -3.74 11.28 -41.77
CA PRO A 98 -2.99 10.39 -40.87
C PRO A 98 -1.55 10.87 -40.70
N VAL A 99 -0.97 10.48 -39.57
CA VAL A 99 0.37 10.95 -39.19
C VAL A 99 1.20 9.78 -38.70
N GLU A 100 2.41 10.06 -38.21
CA GLU A 100 3.26 9.07 -37.59
C GLU A 100 4.01 9.73 -36.44
N MET A 101 4.42 8.93 -35.47
CA MET A 101 5.20 9.44 -34.35
C MET A 101 6.46 10.13 -34.86
N GLY A 102 6.72 11.32 -34.36
CA GLY A 102 7.91 12.04 -34.78
C GLY A 102 9.17 11.32 -34.35
N LEU A 103 10.27 11.58 -35.08
CA LEU A 103 11.53 10.94 -34.76
C LEU A 103 11.99 11.26 -33.34
N ASP A 104 11.72 12.47 -32.86
CA ASP A 104 12.11 12.82 -31.50
C ASP A 104 11.27 12.09 -30.46
N LEU A 105 9.94 12.06 -30.65
CA LEU A 105 9.08 11.42 -29.66
C LEU A 105 9.28 9.91 -29.66
N GLU A 106 9.44 9.31 -30.83
CA GLU A 106 9.60 7.86 -30.87
C GLU A 106 10.91 7.41 -30.25
N GLN A 107 11.82 8.35 -29.97
CA GLN A 107 13.04 8.02 -29.25
C GLN A 107 12.97 8.44 -27.79
N SER A 108 12.26 9.53 -27.49
CA SER A 108 12.05 9.92 -26.11
C SER A 108 11.25 8.86 -25.36
N LEU A 109 10.19 8.34 -25.99
CA LEU A 109 9.48 7.20 -25.42
C LEU A 109 10.40 6.01 -25.22
N ARG A 110 11.27 5.71 -26.17
CA ARG A 110 12.15 4.56 -26.01
C ARG A 110 13.09 4.75 -24.83
N GLU A 111 13.67 5.94 -24.69
CA GLU A 111 14.55 6.20 -23.54
C GLU A 111 13.76 6.13 -22.24
N LEU A 112 12.58 6.72 -22.21
CA LEU A 112 11.77 6.75 -21.00
C LEU A 112 11.40 5.35 -20.55
N ILE A 113 10.99 4.50 -21.50
CA ILE A 113 10.72 3.09 -21.21
C ILE A 113 11.99 2.29 -20.98
N GLN A 114 13.16 2.85 -21.33
CA GLN A 114 14.44 2.18 -21.20
C GLN A 114 14.58 1.02 -22.18
N SER A 115 14.00 1.16 -23.37
CA SER A 115 14.12 0.13 -24.39
C SER A 115 13.57 0.67 -25.69
N SER A 116 13.70 -0.14 -26.75
CA SER A 116 13.12 0.19 -28.05
C SER A 116 11.85 -0.59 -28.35
N ASP A 117 11.30 -1.32 -27.39
CA ASP A 117 10.08 -2.09 -27.60
C ASP A 117 8.85 -1.23 -27.33
N LEU A 118 8.62 -0.23 -28.18
CA LEU A 118 7.50 0.69 -27.97
C LEU A 118 6.17 -0.03 -28.05
N GLN A 119 6.01 -0.95 -29.01
CA GLN A 119 4.71 -1.58 -29.22
C GLN A 119 4.18 -2.23 -27.96
N ALA A 120 5.05 -2.69 -27.06
CA ALA A 120 4.58 -3.33 -25.85
C ALA A 120 3.81 -2.36 -24.96
N PHE A 121 4.24 -1.10 -24.91
CA PHE A 121 3.68 -0.13 -23.98
C PHE A 121 2.83 0.95 -24.62
N PHE A 122 3.12 1.32 -25.86
CA PHE A 122 2.41 2.40 -26.54
C PHE A 122 1.80 1.86 -27.82
N GLU A 123 0.56 2.24 -28.10
CA GLU A 123 -0.10 1.93 -29.36
C GLU A 123 -0.77 3.19 -29.88
N THR A 124 -0.80 3.33 -31.19
CA THR A 124 -1.27 4.56 -31.83
C THR A 124 -2.64 4.34 -32.44
N LYS A 125 -3.56 5.25 -32.15
CA LYS A 125 -4.88 5.24 -32.76
C LYS A 125 -5.43 6.65 -32.74
N GLN A 126 -5.95 7.08 -33.89
CA GLN A 126 -6.37 8.46 -34.07
C GLN A 126 -7.81 8.48 -34.56
N GLN A 127 -8.46 9.63 -34.34
CA GLN A 127 -9.88 9.77 -34.62
C GLN A 127 -10.13 11.09 -35.35
N GLY A 128 -9.28 11.39 -36.33
CA GLY A 128 -9.41 12.61 -37.10
C GLY A 128 -8.55 13.73 -36.55
N ARG A 129 -9.17 14.74 -35.95
CA ARG A 129 -8.41 15.84 -35.34
C ARG A 129 -7.89 15.50 -33.95
N CYS A 130 -8.30 14.37 -33.38
CA CYS A 130 -7.82 13.91 -32.08
C CYS A 130 -6.92 12.70 -32.27
N PHE A 131 -5.79 12.69 -31.59
CA PHE A 131 -4.78 11.64 -31.71
C PHE A 131 -4.53 11.06 -30.33
N TYR A 132 -4.57 9.73 -30.23
CA TYR A 132 -4.42 9.04 -28.95
C TYR A 132 -3.25 8.06 -29.01
N ILE A 133 -2.48 8.02 -27.92
CA ILE A 133 -1.53 6.95 -27.68
C ILE A 133 -1.88 6.35 -26.32
N PHE A 134 -2.08 5.05 -26.28
CA PHE A 134 -2.56 4.38 -25.10
C PHE A 134 -1.38 3.78 -24.36
N VAL A 135 -1.21 4.18 -23.10
CA VAL A 135 -0.01 3.90 -22.33
C VAL A 135 -0.34 2.82 -21.31
N LYS A 136 0.37 1.70 -21.38
CA LYS A 136 0.22 0.68 -20.37
C LYS A 136 0.68 1.21 -19.02
N SER A 137 0.55 0.40 -17.98
CA SER A 137 1.13 0.75 -16.70
C SER A 137 2.45 0.01 -16.50
N TRP A 138 3.46 0.72 -16.03
CA TRP A 138 4.79 0.14 -15.88
C TRP A 138 4.70 -1.16 -15.10
N SER A 139 5.70 -2.02 -15.29
CA SER A 139 5.77 -3.32 -14.62
C SER A 139 7.22 -3.59 -14.25
N SER A 140 7.53 -3.53 -12.96
CA SER A 140 8.91 -3.74 -12.54
C SER A 140 9.39 -5.15 -12.83
N GLY A 141 8.48 -6.12 -12.86
CA GLY A 141 8.84 -7.50 -13.02
C GLY A 141 9.39 -7.78 -14.41
N PRO A 142 10.25 -8.82 -14.52
CA PRO A 142 10.78 -9.20 -15.84
C PRO A 142 9.68 -9.42 -16.87
N VAL A 149 17.78 -6.21 -12.53
CA VAL A 149 16.33 -6.18 -12.70
C VAL A 149 15.90 -4.76 -13.05
N LYS A 150 14.76 -4.65 -13.72
CA LYS A 150 14.27 -3.35 -14.11
C LYS A 150 13.84 -2.55 -12.89
N PRO A 151 13.91 -1.23 -12.94
CA PRO A 151 13.53 -0.42 -11.78
C PRO A 151 12.03 -0.44 -11.53
N ARG A 152 11.63 0.21 -10.45
CA ARG A 152 10.23 0.24 -10.05
C ARG A 152 9.52 1.53 -10.40
N LEU A 153 10.19 2.50 -11.01
CA LEU A 153 9.56 3.75 -11.39
C LEU A 153 10.06 4.18 -12.77
N CYS A 154 9.22 4.96 -13.45
CA CYS A 154 9.55 5.53 -14.74
C CYS A 154 9.57 7.05 -14.60
N SER A 155 10.69 7.66 -14.98
CA SER A 155 10.88 9.09 -14.82
C SER A 155 11.71 9.63 -15.96
N LEU A 156 11.41 10.86 -16.37
CA LEU A 156 12.15 11.49 -17.46
C LEU A 156 13.65 11.46 -17.17
N SER A 157 14.06 11.93 -16.01
CA SER A 157 15.46 12.00 -15.65
C SER A 157 15.59 11.85 -14.14
N SER A 158 16.57 11.04 -13.72
CA SER A 158 16.80 10.80 -12.30
C SER A 158 17.54 11.94 -11.62
N SER A 159 18.14 12.85 -12.38
CA SER A 159 18.80 14.03 -11.83
C SER A 159 20.05 13.69 -11.02
N LEU A 160 20.35 12.41 -10.85
CA LEU A 160 21.61 12.02 -10.23
C LEU A 160 22.74 12.10 -11.24
N TYR A 161 23.90 12.56 -10.77
CA TYR A 161 25.08 12.67 -11.61
C TYR A 161 26.22 11.91 -10.96
N ARG A 162 27.22 11.56 -11.76
CA ARG A 162 28.44 10.96 -11.25
C ARG A 162 29.57 11.26 -12.21
N ARG A 163 30.80 11.30 -11.68
CA ARG A 163 31.97 11.56 -12.50
C ARG A 163 32.51 10.25 -13.07
N SER A 164 32.64 10.20 -14.39
CA SER A 164 33.28 9.07 -15.08
C SER A 164 34.55 9.61 -15.72
N GLU A 165 35.69 9.30 -15.11
CA GLU A 165 36.97 9.85 -15.55
C GLU A 165 36.84 11.36 -15.68
N THR A 166 36.86 11.89 -16.91
CA THR A 166 36.86 13.33 -17.13
C THR A 166 35.46 13.88 -17.41
N SER A 167 34.41 13.07 -17.26
CA SER A 167 33.08 13.44 -17.73
C SER A 167 32.09 13.49 -16.59
N VAL A 168 31.06 14.32 -16.77
CA VAL A 168 29.92 14.41 -15.86
C VAL A 168 28.66 14.20 -16.67
N ARG A 169 27.68 13.53 -16.08
CA ARG A 169 26.48 13.16 -16.82
C ARG A 169 25.35 12.87 -15.84
N SER A 170 24.14 12.81 -16.38
CA SER A 170 22.98 12.37 -15.61
C SER A 170 22.84 10.86 -15.70
N MET A 171 22.15 10.28 -14.72
CA MET A 171 21.96 8.83 -14.68
C MET A 171 20.56 8.45 -15.11
N ASP A 172 20.47 7.31 -15.79
CA ASP A 172 19.21 6.74 -16.21
C ASP A 172 18.68 5.78 -15.15
N SER A 173 17.38 5.50 -15.21
CA SER A 173 16.70 4.88 -14.08
C SER A 173 17.39 3.60 -13.63
N ARG A 174 17.90 2.79 -14.55
CA ARG A 174 18.53 1.54 -14.15
C ARG A 174 19.78 1.78 -13.32
N GLU A 175 20.65 2.69 -13.78
CA GLU A 175 21.85 3.01 -13.02
C GLU A 175 21.50 3.66 -11.69
N ALA A 176 20.48 4.52 -11.68
CA ALA A 176 20.06 5.14 -10.43
C ALA A 176 19.59 4.10 -9.43
N PHE A 177 18.83 3.11 -9.90
CA PHE A 177 18.37 2.05 -9.00
C PHE A 177 19.55 1.24 -8.48
N CYS A 178 20.50 0.89 -9.35
CA CYS A 178 21.66 0.14 -8.89
C CYS A 178 22.42 0.91 -7.82
N PHE A 179 22.63 2.20 -8.05
CA PHE A 179 23.38 3.02 -7.10
C PHE A 179 22.65 3.16 -5.78
N LEU A 180 21.33 3.42 -5.83
CA LEU A 180 20.56 3.54 -4.60
C LEU A 180 20.52 2.24 -3.82
N LYS A 181 20.39 1.10 -4.51
CA LYS A 181 20.43 -0.19 -3.82
C LYS A 181 21.79 -0.41 -3.19
N THR A 182 22.87 -0.07 -3.90
CA THR A 182 24.20 -0.27 -3.35
C THR A 182 24.38 0.55 -2.07
N LYS A 183 23.93 1.81 -2.09
CA LYS A 183 24.02 2.65 -0.89
C LYS A 183 22.71 2.55 -0.09
N ARG A 184 22.33 1.31 0.20
CA ARG A 184 21.17 1.05 1.05
C ARG A 184 21.47 -0.02 2.09
N LYS A 185 22.48 -0.84 1.84
CA LYS A 185 22.85 -1.89 2.78
C LYS A 185 23.81 -1.35 3.83
N ASP A 216 49.07 14.85 -1.13
CA ASP A 216 48.29 14.62 -2.35
C ASP A 216 48.41 15.83 -3.27
N PRO A 217 48.55 15.60 -4.57
CA PRO A 217 48.72 16.75 -5.49
C PRO A 217 47.60 17.77 -5.40
N ALA A 218 46.36 17.33 -5.25
CA ALA A 218 45.26 18.28 -5.13
C ALA A 218 45.35 19.07 -3.83
N ASP A 219 45.66 18.40 -2.73
CA ASP A 219 45.67 19.08 -1.44
C ASP A 219 46.83 20.05 -1.30
N LEU A 220 48.00 19.68 -1.84
CA LEU A 220 49.14 20.60 -1.76
C LEU A 220 48.90 21.87 -2.57
N ILE A 221 47.99 21.83 -3.54
CA ILE A 221 47.60 23.04 -4.24
C ILE A 221 46.52 23.78 -3.47
N PHE A 222 45.54 23.04 -2.94
CA PHE A 222 44.45 23.66 -2.19
C PHE A 222 45.00 24.43 -1.00
N GLN A 223 46.06 23.93 -0.37
CA GLN A 223 46.62 24.57 0.80
C GLN A 223 47.35 25.87 0.48
N LYS A 224 47.72 26.09 -0.79
CA LYS A 224 48.32 27.36 -1.16
C LYS A 224 47.34 28.50 -0.91
N ASP A 225 47.86 29.62 -0.43
CA ASP A 225 47.02 30.75 -0.04
C ASP A 225 46.97 31.85 -1.08
N TYR A 226 47.84 31.82 -2.10
CA TYR A 226 47.74 32.77 -3.19
C TYR A 226 48.44 32.19 -4.42
N LEU A 227 48.09 32.73 -5.58
CA LEU A 227 48.66 32.31 -6.84
C LEU A 227 48.73 33.49 -7.79
N GLU A 228 49.56 33.37 -8.81
CA GLU A 228 49.81 34.45 -9.77
C GLU A 228 49.15 34.13 -11.09
N TYR A 229 48.72 35.18 -11.79
CA TYR A 229 48.11 35.03 -13.10
C TYR A 229 49.06 34.30 -14.04
N GLY A 230 48.52 33.36 -14.82
CA GLY A 230 49.28 32.65 -15.81
C GLY A 230 50.01 31.43 -15.31
N GLU A 231 50.03 31.18 -14.01
CA GLU A 231 50.69 30.00 -13.47
C GLU A 231 49.95 28.75 -13.94
N ILE A 232 50.67 27.79 -14.48
CA ILE A 232 50.07 26.57 -14.98
C ILE A 232 49.97 25.56 -13.85
N LEU A 233 48.77 25.07 -13.59
CA LEU A 233 48.59 24.04 -12.58
C LEU A 233 49.31 22.77 -13.03
N PRO A 234 49.94 22.02 -12.13
CA PRO A 234 50.81 20.92 -12.54
C PRO A 234 50.09 19.64 -12.94
N PHE A 235 48.76 19.57 -12.83
CA PHE A 235 48.04 18.36 -13.16
C PHE A 235 46.79 18.68 -13.97
N PRO A 236 46.33 17.76 -14.81
CA PRO A 236 45.16 18.00 -15.64
C PRO A 236 43.85 17.69 -14.93
N GLU A 237 42.74 17.81 -15.65
CA GLU A 237 41.44 17.41 -15.09
C GLU A 237 41.36 15.91 -15.07
N SER A 238 40.69 15.31 -14.10
CA SER A 238 40.62 13.89 -13.84
C SER A 238 39.30 13.58 -13.14
N GLN A 239 39.14 12.32 -12.73
CA GLN A 239 37.99 11.94 -11.94
C GLN A 239 37.97 12.68 -10.59
N LEU A 240 39.11 13.26 -10.21
CA LEU A 240 39.23 13.89 -8.91
C LEU A 240 39.07 15.41 -8.97
N VAL A 241 39.40 16.05 -10.09
CA VAL A 241 39.47 17.50 -10.15
C VAL A 241 38.90 18.01 -11.46
N GLU A 242 38.54 19.29 -11.47
CA GLU A 242 38.12 20.02 -12.66
C GLU A 242 38.58 21.46 -12.53
N PHE A 243 38.80 22.11 -13.68
CA PHE A 243 39.10 23.54 -13.72
C PHE A 243 38.06 24.21 -14.61
N LYS A 244 37.56 25.37 -14.17
CA LYS A 244 36.48 26.07 -14.86
C LYS A 244 36.88 27.52 -15.08
N GLN A 245 36.73 27.98 -16.33
CA GLN A 245 36.93 29.38 -16.64
C GLN A 245 35.81 30.22 -16.05
N PHE A 246 36.15 31.45 -15.67
CA PHE A 246 35.17 32.35 -15.06
C PHE A 246 34.28 32.98 -16.12
N SER A 247 33.47 33.95 -15.74
CA SER A 247 32.60 34.66 -16.68
C SER A 247 33.27 34.90 -18.02
N GLU A 253 26.87 36.73 -12.83
CA GLU A 253 26.00 35.72 -13.40
C GLU A 253 26.65 34.33 -13.35
N TYR A 254 27.94 34.28 -13.69
CA TYR A 254 28.67 33.01 -13.62
C TYR A 254 28.88 32.55 -12.19
N VAL A 255 28.69 33.43 -11.22
CA VAL A 255 28.86 33.08 -9.81
C VAL A 255 27.64 32.30 -9.33
N LYS A 256 26.69 32.05 -10.23
CA LYS A 256 25.49 31.30 -9.91
C LYS A 256 25.33 30.14 -10.88
N ARG A 257 24.69 29.07 -10.41
CA ARG A 257 24.31 27.93 -11.24
C ARG A 257 25.52 27.10 -11.62
N THR A 258 26.73 27.60 -11.34
CA THR A 258 27.93 26.87 -11.74
C THR A 258 28.21 25.69 -10.84
N ILE A 259 27.74 25.75 -9.60
CA ILE A 259 28.07 24.76 -8.58
C ILE A 259 27.23 23.51 -8.74
N PRO A 260 25.91 23.61 -8.97
CA PRO A 260 25.09 22.40 -9.04
C PRO A 260 25.51 21.45 -10.15
N GLU A 261 26.23 21.96 -11.14
CA GLU A 261 26.64 21.10 -12.24
C GLU A 261 27.65 20.06 -11.81
N TYR A 262 28.63 20.43 -10.98
CA TYR A 262 29.74 19.53 -10.68
C TYR A 262 29.70 19.01 -9.25
N VAL A 263 29.21 19.81 -8.31
CA VAL A 263 29.24 19.40 -6.91
C VAL A 263 28.54 18.06 -6.69
N PRO A 264 27.30 17.86 -7.11
CA PRO A 264 26.68 16.55 -6.95
C PRO A 264 27.47 15.44 -7.59
N ALA A 265 28.16 15.71 -8.69
CA ALA A 265 28.93 14.68 -9.35
C ALA A 265 30.04 14.15 -8.44
N PHE A 266 30.75 15.03 -7.74
CA PHE A 266 31.83 14.59 -6.88
C PHE A 266 31.28 13.92 -5.62
N ALA A 267 30.26 14.52 -5.00
CA ALA A 267 29.78 14.01 -3.72
C ALA A 267 29.29 12.58 -3.85
N ASN A 268 28.50 12.30 -4.89
CA ASN A 268 27.86 10.99 -4.97
C ASN A 268 28.88 9.88 -5.10
N THR A 269 30.10 10.19 -5.54
CA THR A 269 31.14 9.17 -5.65
C THR A 269 32.50 9.84 -5.62
N GLY A 270 33.38 9.30 -4.78
CA GLY A 270 34.78 9.67 -4.79
C GLY A 270 35.10 10.98 -4.09
N GLY A 271 34.26 11.99 -4.29
CA GLY A 271 34.57 13.31 -3.80
C GLY A 271 35.74 13.91 -4.54
N GLY A 272 35.95 15.22 -4.42
CA GLY A 272 37.04 15.85 -5.14
C GLY A 272 36.94 17.36 -5.10
N TYR A 273 37.56 17.99 -6.08
CA TYR A 273 37.73 19.44 -6.11
C TYR A 273 37.28 19.98 -7.45
N LEU A 274 36.85 21.23 -7.45
CA LEU A 274 36.67 21.99 -8.68
C LEU A 274 37.28 23.37 -8.47
N PHE A 275 38.14 23.77 -9.40
CA PHE A 275 38.85 25.04 -9.31
C PHE A 275 38.19 26.02 -10.27
N ILE A 276 37.75 27.16 -9.74
CA ILE A 276 37.04 28.17 -10.51
C ILE A 276 37.96 29.36 -10.72
N GLY A 277 38.00 29.87 -11.94
CA GLY A 277 38.95 30.89 -12.33
C GLY A 277 40.18 30.36 -13.02
N VAL A 278 40.21 29.08 -13.39
CA VAL A 278 41.35 28.46 -14.04
C VAL A 278 40.90 27.92 -15.38
N ASP A 279 41.73 28.10 -16.41
CA ASP A 279 41.39 27.63 -17.74
C ASP A 279 41.19 26.12 -17.73
N ASP A 280 40.27 25.66 -18.54
CA ASP A 280 39.96 24.26 -18.53
C ASP A 280 40.94 23.41 -19.32
N LYS A 281 41.59 24.04 -20.28
CA LYS A 281 42.52 23.33 -21.15
C LYS A 281 43.97 23.70 -20.88
N SER A 282 44.32 24.98 -20.94
CA SER A 282 45.67 25.42 -20.67
C SER A 282 46.03 25.38 -19.20
N ARG A 283 45.04 25.42 -18.30
CA ARG A 283 45.23 25.27 -16.87
C ARG A 283 46.03 26.42 -16.27
N GLU A 284 46.00 27.60 -16.89
CA GLU A 284 46.65 28.77 -16.33
C GLU A 284 45.65 29.60 -15.54
N VAL A 285 46.06 29.99 -14.34
CA VAL A 285 45.15 30.72 -13.45
C VAL A 285 44.79 32.05 -14.08
N LEU A 286 43.51 32.41 -14.00
CA LEU A 286 43.03 33.70 -14.50
C LEU A 286 42.25 34.48 -13.46
N GLY A 287 41.43 33.82 -12.63
CA GLY A 287 40.87 34.47 -11.46
C GLY A 287 40.10 35.73 -11.72
N CYS A 288 39.41 35.81 -12.86
CA CYS A 288 38.65 37.01 -13.24
C CYS A 288 39.41 38.28 -12.87
N ALA A 289 38.83 39.11 -12.00
CA ALA A 289 39.47 40.35 -11.58
C ALA A 289 38.81 40.84 -10.30
N LYS A 290 39.31 41.97 -9.81
CA LYS A 290 38.78 42.53 -8.57
C LYS A 290 37.31 42.88 -8.69
N GLU A 291 36.93 43.56 -9.78
CA GLU A 291 35.57 44.04 -9.94
C GLU A 291 34.55 42.90 -10.00
N ASN A 292 35.00 41.68 -10.28
CA ASN A 292 34.06 40.58 -10.49
C ASN A 292 33.61 39.94 -9.18
N VAL A 293 34.48 39.85 -8.19
CA VAL A 293 34.25 39.00 -7.02
C VAL A 293 34.42 39.81 -5.75
N ASP A 294 33.43 39.70 -4.85
CA ASP A 294 33.55 40.15 -3.48
C ASP A 294 33.54 38.92 -2.58
N PRO A 295 34.68 38.48 -2.04
CA PRO A 295 34.71 37.18 -1.34
C PRO A 295 33.68 37.06 -0.24
N ASP A 296 33.43 38.13 0.52
CA ASP A 296 32.45 38.08 1.59
C ASP A 296 31.04 37.81 1.10
N SER A 297 30.74 38.11 -0.17
CA SER A 297 29.44 37.77 -0.76
C SER A 297 29.50 36.44 -1.48
N LEU A 298 30.62 36.15 -2.14
CA LEU A 298 30.74 34.89 -2.87
C LEU A 298 30.67 33.71 -1.91
N ARG A 299 31.22 33.85 -0.70
CA ARG A 299 31.16 32.76 0.26
C ARG A 299 29.72 32.41 0.61
N ARG A 300 28.91 33.42 0.94
CA ARG A 300 27.52 33.17 1.27
C ARG A 300 26.78 32.59 0.06
N LYS A 301 27.08 33.11 -1.13
CA LYS A 301 26.41 32.61 -2.32
C LYS A 301 26.71 31.13 -2.54
N ILE A 302 27.99 30.74 -2.44
CA ILE A 302 28.37 29.37 -2.73
C ILE A 302 27.82 28.43 -1.66
N GLU A 303 27.88 28.84 -0.39
CA GLU A 303 27.34 27.96 0.64
C GLU A 303 25.83 27.82 0.51
N GLN A 304 25.12 28.90 0.20
CA GLN A 304 23.68 28.80 -0.01
C GLN A 304 23.37 27.86 -1.17
N ALA A 305 24.12 27.98 -2.26
CA ALA A 305 23.91 27.09 -3.39
C ALA A 305 24.16 25.65 -3.00
N ILE A 306 25.22 25.38 -2.24
CA ILE A 306 25.52 24.02 -1.84
C ILE A 306 24.39 23.45 -1.01
N TYR A 307 23.95 24.19 0.01
CA TYR A 307 22.97 23.66 0.94
C TYR A 307 21.55 23.72 0.41
N LYS A 308 21.33 24.34 -0.76
CA LYS A 308 20.00 24.32 -1.37
C LYS A 308 19.76 23.07 -2.20
N LEU A 309 20.81 22.31 -2.52
CA LEU A 309 20.63 21.14 -3.37
C LEU A 309 20.01 20.00 -2.56
N PRO A 310 18.89 19.43 -3.00
CA PRO A 310 18.24 18.38 -2.20
C PRO A 310 19.15 17.18 -1.96
N CYS A 311 19.00 16.58 -0.79
CA CYS A 311 19.75 15.38 -0.41
C CYS A 311 18.79 14.35 0.15
N VAL A 312 19.33 13.15 0.38
CA VAL A 312 18.56 12.05 0.96
C VAL A 312 19.52 11.15 1.73
N HIS A 313 19.05 10.61 2.85
CA HIS A 313 19.84 9.72 3.68
C HIS A 313 19.05 8.46 4.02
N PHE A 314 19.76 7.34 4.12
CA PHE A 314 19.21 6.14 4.75
C PHE A 314 19.75 5.95 6.15
N CYS A 315 20.93 6.50 6.43
CA CYS A 315 21.58 6.38 7.73
C CYS A 315 21.20 7.55 8.63
N GLN A 316 21.76 7.55 9.83
CA GLN A 316 21.58 8.63 10.79
C GLN A 316 22.90 8.88 11.51
N PRO A 317 23.12 10.11 12.00
CA PRO A 317 22.29 11.30 11.86
C PRO A 317 22.40 11.89 10.46
N GLN A 318 21.55 12.86 10.12
CA GLN A 318 21.51 13.44 8.78
C GLN A 318 22.61 14.49 8.68
N ARG A 319 23.74 14.10 8.11
CA ARG A 319 24.84 15.04 7.92
C ARG A 319 24.52 15.95 6.74
N PRO A 320 24.62 17.28 6.90
CA PRO A 320 24.46 18.15 5.73
C PRO A 320 25.61 17.98 4.77
N ILE A 321 25.63 18.75 3.68
CA ILE A 321 26.69 18.60 2.69
C ILE A 321 28.03 18.94 3.33
N THR A 322 28.99 18.02 3.24
CA THR A 322 30.33 18.21 3.79
C THR A 322 31.19 18.83 2.70
N PHE A 323 31.63 20.07 2.92
CA PHE A 323 32.38 20.80 1.92
C PHE A 323 33.25 21.85 2.59
N THR A 324 34.22 22.36 1.82
CA THR A 324 35.09 23.43 2.27
C THR A 324 35.36 24.35 1.09
N LEU A 325 35.70 25.60 1.39
CA LEU A 325 35.95 26.58 0.34
C LEU A 325 37.13 27.46 0.72
N LYS A 326 37.82 27.98 -0.28
CA LYS A 326 38.86 28.98 -0.12
C LYS A 326 38.69 30.03 -1.20
N ILE A 327 38.57 31.29 -0.81
CA ILE A 327 38.52 32.39 -1.75
C ILE A 327 39.87 33.09 -1.71
N VAL A 328 40.78 32.67 -2.57
CA VAL A 328 42.18 33.08 -2.45
C VAL A 328 42.43 34.30 -3.33
N ASN A 329 43.16 35.26 -2.78
CA ASN A 329 43.66 36.38 -3.56
C ASN A 329 44.68 35.92 -4.57
N VAL A 330 44.59 36.43 -5.79
CA VAL A 330 45.50 36.06 -6.86
C VAL A 330 46.08 37.34 -7.47
N LEU A 331 47.37 37.28 -7.82
CA LEU A 331 48.15 38.47 -8.12
C LEU A 331 48.56 38.50 -9.58
N LYS A 332 48.65 39.70 -10.13
CA LYS A 332 49.23 39.96 -11.44
C LYS A 332 50.48 40.80 -11.25
N ARG A 333 51.61 40.30 -11.73
CA ARG A 333 52.90 40.95 -11.52
C ARG A 333 53.16 41.16 -10.03
N GLY A 334 52.63 40.28 -9.20
CA GLY A 334 52.71 40.42 -7.77
C GLY A 334 51.67 41.33 -7.16
N GLU A 335 50.91 42.06 -7.98
CA GLU A 335 49.87 42.94 -7.49
C GLU A 335 48.53 42.21 -7.51
N LEU A 336 47.78 42.29 -6.41
CA LEU A 336 46.45 41.72 -6.36
C LEU A 336 45.58 42.19 -7.52
N TYR A 337 45.13 41.23 -8.33
CA TYR A 337 44.36 41.51 -9.53
C TYR A 337 42.98 40.85 -9.53
N GLY A 338 42.79 39.78 -8.77
CA GLY A 338 41.51 39.11 -8.78
C GLY A 338 41.41 38.08 -7.68
N TYR A 339 40.43 37.18 -7.82
CA TYR A 339 40.18 36.12 -6.85
C TYR A 339 39.94 34.81 -7.57
N ALA A 340 40.34 33.72 -6.94
CA ALA A 340 40.11 32.36 -7.44
C ALA A 340 39.58 31.49 -6.31
N CYS A 341 38.71 30.54 -6.67
CA CYS A 341 38.03 29.70 -5.70
C CYS A 341 38.38 28.24 -5.93
N MET A 342 38.81 27.57 -4.87
CA MET A 342 39.00 26.13 -4.87
C MET A 342 38.04 25.53 -3.85
N ILE A 343 37.20 24.60 -4.30
CA ILE A 343 36.17 23.99 -3.46
C ILE A 343 36.46 22.49 -3.39
N ARG A 344 36.47 21.96 -2.18
CA ARG A 344 36.67 20.54 -1.94
C ARG A 344 35.36 19.92 -1.50
N VAL A 345 34.97 18.83 -2.14
CA VAL A 345 33.75 18.10 -1.83
C VAL A 345 34.12 16.69 -1.41
N ASN A 346 33.71 16.31 -0.21
CA ASN A 346 34.09 15.01 0.34
C ASN A 346 33.07 13.94 -0.06
N PRO A 347 33.47 12.68 -0.09
CA PRO A 347 32.49 11.62 -0.42
C PRO A 347 31.31 11.67 0.53
N PHE A 348 30.12 11.55 -0.03
CA PHE A 348 28.89 11.67 0.74
C PHE A 348 28.40 10.27 1.12
N CYS A 349 27.98 10.12 2.38
CA CYS A 349 27.57 8.82 2.88
C CYS A 349 26.29 8.32 2.21
N CYS A 350 25.58 9.19 1.51
CA CYS A 350 24.34 8.81 0.84
C CYS A 350 24.25 9.50 -0.53
N ALA A 351 23.08 9.47 -1.15
CA ALA A 351 22.90 10.04 -2.48
C ALA A 351 22.42 11.48 -2.36
N VAL A 352 22.94 12.33 -3.25
CA VAL A 352 22.57 13.73 -3.31
C VAL A 352 22.15 14.07 -4.73
N PHE A 353 21.03 14.78 -4.86
CA PHE A 353 20.43 15.08 -6.15
C PHE A 353 20.68 16.53 -6.52
N SER A 354 21.11 16.76 -7.76
CA SER A 354 21.26 18.12 -8.24
C SER A 354 19.94 18.88 -8.17
N GLU A 355 18.84 18.21 -8.45
CA GLU A 355 17.51 18.80 -8.31
C GLU A 355 16.52 17.66 -8.18
N ALA A 356 15.29 18.01 -7.83
CA ALA A 356 14.27 16.99 -7.69
C ALA A 356 14.17 16.17 -8.96
N PRO A 357 14.12 14.84 -8.88
CA PRO A 357 14.02 14.04 -10.10
C PRO A 357 12.82 14.47 -10.92
N ASN A 358 13.01 14.52 -12.23
CA ASN A 358 11.94 14.90 -13.16
C ASN A 358 11.04 13.69 -13.34
N SER A 359 10.20 13.44 -12.35
CA SER A 359 9.27 12.32 -12.37
C SER A 359 7.90 12.85 -11.97
N TRP A 360 6.85 12.17 -12.43
CA TRP A 360 5.50 12.65 -12.22
C TRP A 360 4.57 11.49 -11.88
N ILE A 361 3.64 11.77 -10.97
CA ILE A 361 2.53 10.89 -10.68
C ILE A 361 1.27 11.75 -10.56
N VAL A 362 0.17 11.23 -11.06
CA VAL A 362 -1.07 11.99 -11.23
C VAL A 362 -1.99 11.69 -10.06
N GLU A 363 -2.49 12.74 -9.44
CA GLU A 363 -3.54 12.66 -8.43
C GLU A 363 -4.79 13.31 -9.00
N ASP A 364 -5.81 13.42 -8.16
CA ASP A 364 -7.09 13.96 -8.62
C ASP A 364 -6.87 15.27 -9.37
N LYS A 365 -7.27 15.27 -10.65
CA LYS A 365 -7.32 16.49 -11.44
C LYS A 365 -5.97 17.13 -11.68
N TYR A 366 -4.88 16.52 -11.22
CA TYR A 366 -3.56 17.13 -11.33
C TYR A 366 -2.48 16.07 -11.50
N VAL A 367 -1.56 16.35 -12.43
CA VAL A 367 -0.37 15.55 -12.63
C VAL A 367 0.78 16.29 -11.95
N CYS A 368 1.13 15.84 -10.75
CA CYS A 368 2.05 16.56 -9.89
C CYS A 368 3.37 15.81 -9.77
N SER A 369 4.44 16.57 -9.57
CA SER A 369 5.77 15.99 -9.53
C SER A 369 5.99 15.19 -8.26
N LEU A 370 6.93 14.25 -8.32
CA LEU A 370 7.30 13.49 -7.13
C LEU A 370 8.43 14.20 -6.40
N THR A 371 8.29 14.33 -5.08
CA THR A 371 9.33 14.93 -4.26
C THR A 371 10.52 13.99 -4.14
N THR A 372 11.63 14.55 -3.68
CA THR A 372 12.86 13.78 -3.60
C THR A 372 12.69 12.57 -2.69
N GLU A 373 12.17 12.78 -1.48
CA GLU A 373 12.00 11.68 -0.54
C GLU A 373 11.00 10.66 -1.06
N LYS A 374 9.88 11.12 -1.62
CA LYS A 374 8.91 10.18 -2.18
C LYS A 374 9.52 9.37 -3.30
N TRP A 375 10.24 10.03 -4.20
CA TRP A 375 10.88 9.34 -5.32
C TRP A 375 11.84 8.27 -4.81
N VAL A 376 12.75 8.65 -3.93
CA VAL A 376 13.78 7.72 -3.48
C VAL A 376 13.16 6.59 -2.67
N GLY A 377 12.11 6.87 -1.90
CA GLY A 377 11.44 5.83 -1.17
C GLY A 377 10.76 4.83 -2.09
N MET A 378 10.07 5.35 -3.10
CA MET A 378 9.35 4.48 -4.02
C MET A 378 10.31 3.58 -4.79
N MET A 379 11.41 4.14 -5.28
CA MET A 379 12.34 3.33 -6.07
C MET A 379 13.04 2.26 -5.25
N THR A 380 13.05 2.40 -3.91
CA THR A 380 13.83 1.51 -3.07
C THR A 380 12.98 0.52 -2.28
N ASP A 381 11.65 0.55 -2.43
CA ASP A 381 10.80 -0.32 -1.63
C ASP A 381 11.03 -1.78 -2.01
N THR A 382 10.88 -2.65 -1.01
CA THR A 382 10.97 -4.09 -1.23
C THR A 382 10.11 -4.80 -0.19
N ASP A 383 9.85 -6.07 -0.44
CA ASP A 383 8.97 -6.83 0.43
C ASP A 383 9.59 -6.96 1.82
N PRO A 384 8.88 -6.56 2.89
CA PRO A 384 9.44 -6.74 4.23
C PRO A 384 9.51 -8.21 4.60
N ASP A 385 10.33 -8.50 5.62
CA ASP A 385 10.49 -9.86 6.11
C ASP A 385 10.41 -9.86 7.63
N LEU A 386 9.93 -10.97 8.18
CA LEU A 386 9.89 -11.19 9.62
C LEU A 386 9.46 -12.63 9.86
N LEU A 387 9.28 -12.98 11.14
CA LEU A 387 8.98 -14.36 11.51
C LEU A 387 7.64 -14.84 10.95
N GLN A 388 6.59 -14.03 11.03
CA GLN A 388 5.29 -14.41 10.47
C GLN A 388 5.12 -13.90 9.05
N LEU A 389 6.14 -13.24 8.49
CA LEU A 389 6.17 -12.91 7.07
C LEU A 389 6.93 -13.94 6.25
N SER A 390 7.53 -14.94 6.88
CA SER A 390 8.28 -15.95 6.16
C SER A 390 8.04 -17.32 6.79
N GLU A 391 8.13 -18.34 5.92
CA GLU A 391 8.04 -19.74 6.32
C GLU A 391 6.61 -20.15 6.65
N ASP A 392 5.67 -19.20 6.64
CA ASP A 392 4.26 -19.52 6.71
C ASP A 392 3.38 -18.64 5.84
N PHE A 393 3.86 -17.47 5.40
CA PHE A 393 3.09 -16.55 4.58
C PHE A 393 3.61 -16.66 3.15
N GLU A 394 2.69 -16.80 2.20
CA GLU A 394 3.04 -16.96 0.79
C GLU A 394 2.81 -15.63 0.09
N CYS A 395 3.80 -15.22 -0.71
CA CYS A 395 3.75 -13.94 -1.40
C CYS A 395 2.96 -14.10 -2.69
N GLN A 396 1.67 -13.77 -2.64
CA GLN A 396 0.87 -13.77 -3.87
C GLN A 396 1.29 -12.64 -4.79
N LEU A 397 1.58 -11.46 -4.24
CA LEU A 397 2.08 -10.35 -5.02
C LEU A 397 3.31 -9.80 -4.31
N SER A 398 4.20 -9.21 -5.08
CA SER A 398 5.45 -8.67 -4.55
C SER A 398 5.68 -7.28 -5.11
N LEU A 399 6.39 -6.45 -4.34
CA LEU A 399 6.83 -5.16 -4.88
C LEU A 399 7.96 -5.35 -5.87
N SER A 400 8.58 -6.53 -5.90
CA SER A 400 9.69 -6.79 -6.80
C SER A 400 9.25 -7.28 -8.17
N SER A 401 7.95 -7.50 -8.39
CA SER A 401 7.44 -7.89 -9.70
C SER A 401 6.18 -7.15 -10.13
N GLY A 402 5.51 -6.41 -9.26
CA GLY A 402 4.29 -5.74 -9.63
C GLY A 402 4.52 -4.33 -10.10
N PRO A 403 3.42 -3.64 -10.37
CA PRO A 403 3.51 -2.23 -10.79
C PRO A 403 4.08 -1.37 -9.68
N PRO A 404 4.21 -0.06 -9.91
CA PRO A 404 4.82 0.80 -8.89
C PRO A 404 3.99 0.92 -7.62
N LEU A 405 2.68 1.17 -7.75
CA LEU A 405 1.86 1.54 -6.61
C LEU A 405 1.18 0.36 -5.93
N SER A 406 1.55 -0.88 -6.27
CA SER A 406 0.86 -2.03 -5.70
C SER A 406 1.42 -2.38 -4.33
N ARG A 407 0.51 -2.58 -3.36
CA ARG A 407 0.88 -3.08 -2.05
C ARG A 407 1.02 -4.60 -2.09
N PRO A 408 1.98 -5.17 -1.37
CA PRO A 408 2.13 -6.62 -1.39
C PRO A 408 0.96 -7.31 -0.71
N VAL A 409 0.72 -8.56 -1.11
CA VAL A 409 -0.39 -9.36 -0.61
C VAL A 409 0.15 -10.69 -0.14
N TYR A 410 -0.54 -11.31 0.83
CA TYR A 410 -0.14 -12.60 1.37
C TYR A 410 -1.36 -13.43 1.72
N SER A 411 -1.11 -14.73 1.93
CA SER A 411 -2.16 -15.67 2.31
C SER A 411 -1.53 -16.80 3.11
N LYS A 412 -2.00 -16.97 4.34
CA LYS A 412 -1.34 -17.88 5.27
C LYS A 412 -1.23 -19.27 4.67
N LYS A 413 -0.08 -19.89 4.82
CA LYS A 413 0.14 -21.23 4.27
C LYS A 413 -0.92 -22.17 4.81
N GLY A 414 -1.48 -22.98 3.91
CA GLY A 414 -2.55 -23.90 4.27
C GLY A 414 -3.93 -23.43 3.91
N LEU A 415 -4.13 -22.13 3.71
CA LEU A 415 -5.37 -21.62 3.18
C LEU A 415 -5.32 -21.65 1.66
N GLU A 416 -6.28 -20.98 1.02
CA GLU A 416 -6.33 -20.94 -0.43
C GLU A 416 -5.53 -19.76 -0.96
N HIS A 417 -4.85 -19.98 -2.09
CA HIS A 417 -4.09 -18.93 -2.74
C HIS A 417 -5.03 -17.98 -3.47
N LYS A 418 -4.46 -17.08 -4.28
CA LYS A 418 -5.28 -16.34 -5.22
C LYS A 418 -5.72 -17.23 -6.37
N LYS A 419 -4.90 -18.19 -6.76
CA LYS A 419 -5.24 -19.09 -7.85
C LYS A 419 -6.42 -20.00 -7.47
N GLU A 420 -6.34 -20.64 -6.30
CA GLU A 420 -7.41 -21.54 -5.92
C GLU A 420 -8.71 -20.77 -5.70
N LEU A 421 -8.63 -19.56 -5.15
CA LEU A 421 -9.82 -18.74 -5.01
C LEU A 421 -10.57 -18.34 -6.27
N GLN A 422 -9.88 -17.93 -7.32
CA GLN A 422 -10.64 -17.61 -8.52
C GLN A 422 -11.11 -18.87 -9.22
N GLN A 423 -10.41 -20.00 -9.03
CA GLN A 423 -10.91 -21.25 -9.60
C GLN A 423 -12.22 -21.52 -8.87
N LEU A 424 -12.23 -21.35 -7.55
CA LEU A 424 -13.40 -21.71 -6.77
C LEU A 424 -14.53 -20.70 -6.94
N LEU A 425 -14.21 -19.49 -7.37
CA LEU A 425 -15.23 -18.43 -7.50
C LEU A 425 -15.52 -18.04 -8.94
N PHE A 426 -14.54 -18.09 -9.84
CA PHE A 426 -14.71 -17.66 -11.22
C PHE A 426 -14.06 -18.61 -12.21
N SER A 427 -14.17 -19.92 -12.02
CA SER A 427 -13.52 -20.87 -12.91
C SER A 427 -13.93 -20.64 -14.36
N VAL A 428 -12.97 -20.79 -15.27
CA VAL A 428 -13.20 -20.50 -16.67
C VAL A 428 -13.98 -21.66 -17.31
N PRO A 429 -15.13 -21.41 -17.93
CA PRO A 429 -15.78 -22.47 -18.70
C PRO A 429 -15.03 -22.72 -19.98
N PRO A 430 -15.13 -23.92 -20.55
CA PRO A 430 -14.50 -24.18 -21.85
C PRO A 430 -15.31 -23.75 -23.06
N GLY A 431 -16.64 -23.76 -22.98
CA GLY A 431 -17.43 -23.47 -24.17
C GLY A 431 -18.75 -22.74 -23.98
N TYR A 432 -19.05 -22.23 -22.79
CA TYR A 432 -20.31 -21.54 -22.57
C TYR A 432 -20.12 -20.44 -21.55
N LEU A 433 -20.90 -19.37 -21.68
CA LEU A 433 -20.70 -18.16 -20.89
C LEU A 433 -21.39 -18.31 -19.53
N ARG A 434 -20.69 -18.93 -18.61
CA ARG A 434 -21.17 -19.13 -17.26
C ARG A 434 -21.52 -17.80 -16.60
N TYR A 435 -22.69 -17.72 -15.99
CA TYR A 435 -23.01 -16.60 -15.13
C TYR A 435 -22.45 -16.85 -13.73
N THR A 436 -22.46 -15.81 -12.91
CA THR A 436 -21.94 -15.91 -11.54
C THR A 436 -22.29 -14.62 -10.81
N PRO A 437 -22.58 -14.69 -9.50
CA PRO A 437 -22.82 -15.88 -8.67
C PRO A 437 -24.18 -16.48 -8.94
N GLU A 438 -24.29 -17.81 -9.02
CA GLU A 438 -25.54 -18.42 -9.45
C GLU A 438 -26.69 -18.02 -8.54
N SER A 439 -26.48 -18.10 -7.22
CA SER A 439 -27.56 -17.78 -6.30
C SER A 439 -28.00 -16.32 -6.45
N LEU A 440 -27.04 -15.42 -6.61
CA LEU A 440 -27.38 -14.01 -6.74
C LEU A 440 -28.11 -13.74 -8.04
N TRP A 441 -27.73 -14.42 -9.13
CA TRP A 441 -28.49 -14.34 -10.36
C TRP A 441 -29.92 -14.81 -10.15
N ARG A 442 -30.10 -15.90 -9.42
CA ARG A 442 -31.44 -16.39 -9.13
C ARG A 442 -32.24 -15.35 -8.37
N ASP A 443 -31.65 -14.77 -7.33
CA ASP A 443 -32.37 -13.79 -6.54
C ASP A 443 -32.76 -12.58 -7.39
N LEU A 444 -31.82 -12.10 -8.20
CA LEU A 444 -32.12 -10.92 -9.02
C LEU A 444 -33.25 -11.21 -9.99
N ILE A 445 -33.16 -12.32 -10.75
CA ILE A 445 -34.19 -12.60 -11.72
C ILE A 445 -35.55 -12.81 -11.06
N SER A 446 -35.61 -13.57 -9.97
CA SER A 446 -36.89 -13.77 -9.30
C SER A 446 -37.45 -12.46 -8.78
N GLU A 447 -36.59 -11.62 -8.19
CA GLU A 447 -37.05 -10.38 -7.59
C GLU A 447 -37.57 -9.40 -8.63
N HIS A 448 -36.84 -9.25 -9.73
CA HIS A 448 -37.03 -8.15 -10.66
C HIS A 448 -37.65 -8.64 -11.95
N ARG A 449 -38.53 -7.81 -12.52
CA ARG A 449 -39.25 -8.17 -13.72
C ARG A 449 -38.42 -7.85 -14.96
N GLY A 450 -38.19 -8.87 -15.78
CA GLY A 450 -37.63 -8.66 -17.09
C GLY A 450 -36.13 -8.45 -17.13
N LEU A 451 -35.44 -8.58 -16.01
CA LEU A 451 -33.98 -8.48 -16.06
C LEU A 451 -33.40 -9.55 -16.97
N GLU A 452 -33.91 -10.78 -16.86
CA GLU A 452 -33.46 -11.84 -17.77
C GLU A 452 -33.67 -11.44 -19.22
N GLU A 453 -34.85 -10.88 -19.53
CA GLU A 453 -35.13 -10.46 -20.90
C GLU A 453 -34.17 -9.38 -21.36
N LEU A 454 -33.84 -8.42 -20.49
CA LEU A 454 -32.97 -7.32 -20.88
C LEU A 454 -31.53 -7.79 -21.08
N ILE A 455 -31.08 -8.77 -20.29
CA ILE A 455 -29.67 -9.12 -20.33
C ILE A 455 -29.38 -10.21 -21.35
N ASN A 456 -30.23 -11.23 -21.45
CA ASN A 456 -29.97 -12.30 -22.40
C ASN A 456 -29.83 -11.78 -23.82
N LYS A 457 -30.45 -10.64 -24.14
CA LYS A 457 -30.21 -10.01 -25.42
C LYS A 457 -28.76 -9.54 -25.53
N GLN A 458 -28.29 -8.79 -24.53
CA GLN A 458 -26.98 -8.16 -24.61
C GLN A 458 -25.89 -9.10 -24.12
N MET A 459 -26.20 -10.39 -24.08
CA MET A 459 -25.15 -11.39 -23.91
C MET A 459 -25.03 -12.33 -25.10
N GLN A 460 -25.78 -12.11 -26.18
CA GLN A 460 -25.75 -13.02 -27.33
C GLN A 460 -24.39 -13.02 -28.02
N PRO A 461 -23.81 -11.86 -28.32
CA PRO A 461 -22.56 -11.87 -29.11
C PRO A 461 -21.42 -12.60 -28.41
N PHE A 462 -21.17 -12.28 -27.15
CA PHE A 462 -20.00 -12.80 -26.46
C PHE A 462 -20.09 -14.31 -26.34
N PHE A 463 -18.95 -14.99 -26.49
CA PHE A 463 -18.97 -16.45 -26.63
C PHE A 463 -18.74 -17.16 -25.31
N ARG A 464 -17.62 -16.88 -24.64
CA ARG A 464 -17.31 -17.58 -23.40
C ARG A 464 -16.65 -16.61 -22.43
N GLY A 465 -16.51 -17.05 -21.18
CA GLY A 465 -15.94 -16.24 -20.13
C GLY A 465 -16.70 -16.34 -18.82
N ILE A 466 -17.04 -15.20 -18.24
CA ILE A 466 -17.78 -15.10 -16.99
C ILE A 466 -18.53 -13.78 -17.00
N LEU A 467 -19.66 -13.73 -16.30
CA LEU A 467 -20.36 -12.48 -16.03
C LEU A 467 -20.62 -12.39 -14.54
N ILE A 468 -19.83 -11.55 -13.86
CA ILE A 468 -19.83 -11.45 -12.40
C ILE A 468 -20.82 -10.36 -12.02
N PHE A 469 -21.82 -10.73 -11.21
CA PHE A 469 -22.86 -9.81 -10.78
C PHE A 469 -22.59 -9.28 -9.38
N SER A 470 -23.41 -8.31 -8.97
CA SER A 470 -23.48 -7.89 -7.59
C SER A 470 -24.58 -6.84 -7.47
N ARG A 471 -25.12 -6.71 -6.26
CA ARG A 471 -26.16 -5.72 -6.06
C ARG A 471 -25.62 -4.30 -6.13
N SER A 472 -24.32 -4.12 -6.00
CA SER A 472 -23.67 -2.85 -6.32
C SER A 472 -22.16 -3.05 -6.38
N TRP A 473 -21.53 -2.65 -7.49
CA TRP A 473 -20.08 -2.74 -7.56
C TRP A 473 -19.41 -1.52 -6.97
N ALA A 474 -20.17 -0.46 -6.66
CA ALA A 474 -19.59 0.66 -5.95
C ALA A 474 -19.19 0.27 -4.53
N VAL A 475 -20.13 -0.31 -3.78
CA VAL A 475 -19.87 -0.64 -2.39
C VAL A 475 -18.79 -1.71 -2.29
N ASP A 476 -18.67 -2.56 -3.32
CA ASP A 476 -17.61 -3.55 -3.34
C ASP A 476 -16.24 -2.93 -3.63
N LEU A 477 -16.21 -1.67 -4.05
CA LEU A 477 -14.98 -0.94 -4.30
C LEU A 477 -14.87 0.35 -3.49
N ASN A 478 -15.60 0.46 -2.39
CA ASN A 478 -15.52 1.60 -1.49
C ASN A 478 -16.00 2.88 -2.18
N LEU A 479 -17.19 2.81 -2.75
CA LEU A 479 -17.92 3.97 -3.20
C LEU A 479 -19.39 3.81 -2.84
N GLN A 480 -20.01 4.90 -2.42
CA GLN A 480 -21.39 4.83 -1.95
C GLN A 480 -22.29 4.20 -3.00
N GLU A 481 -23.10 3.24 -2.57
CA GLU A 481 -24.11 2.69 -3.46
C GLU A 481 -25.10 3.78 -3.85
N LYS A 482 -25.57 3.73 -5.08
CA LYS A 482 -26.46 4.78 -5.55
C LYS A 482 -27.92 4.35 -5.40
N PRO A 483 -28.82 5.26 -5.04
CA PRO A 483 -30.25 4.92 -5.07
C PRO A 483 -30.71 4.62 -6.49
N GLY A 484 -31.59 3.64 -6.62
CA GLY A 484 -32.18 3.33 -7.91
C GLY A 484 -31.38 2.37 -8.77
N VAL A 485 -30.33 1.75 -8.24
CA VAL A 485 -29.58 0.75 -9.00
C VAL A 485 -30.16 -0.63 -8.72
N ILE A 486 -30.40 -1.39 -9.78
CA ILE A 486 -30.91 -2.75 -9.61
C ILE A 486 -29.78 -3.71 -9.28
N CYS A 487 -28.66 -3.57 -9.98
CA CYS A 487 -27.48 -4.35 -9.70
C CYS A 487 -26.41 -3.92 -10.70
N ASP A 488 -25.19 -4.40 -10.47
CA ASP A 488 -24.07 -4.18 -11.38
C ASP A 488 -23.58 -5.53 -11.89
N ALA A 489 -22.82 -5.50 -12.97
CA ALA A 489 -22.29 -6.74 -13.51
C ALA A 489 -21.04 -6.44 -14.30
N LEU A 490 -20.01 -7.27 -14.11
CA LEU A 490 -18.77 -7.17 -14.86
C LEU A 490 -18.78 -8.25 -15.91
N LEU A 491 -18.55 -7.87 -17.16
CA LEU A 491 -18.64 -8.79 -18.29
C LEU A 491 -17.24 -9.06 -18.82
N ILE A 492 -16.74 -10.26 -18.57
CA ILE A 492 -15.45 -10.72 -19.12
C ILE A 492 -15.77 -11.77 -20.17
N ALA A 493 -15.14 -11.66 -21.33
CA ALA A 493 -15.39 -12.64 -22.38
C ALA A 493 -14.26 -12.62 -23.39
N GLN A 494 -13.96 -13.80 -23.93
CA GLN A 494 -12.87 -13.94 -24.88
C GLN A 494 -13.16 -13.13 -26.13
N ASN A 495 -12.10 -12.59 -26.74
CA ASN A 495 -12.20 -11.76 -27.93
C ASN A 495 -13.02 -10.51 -27.65
N SER A 496 -12.96 -9.99 -26.43
CA SER A 496 -13.59 -8.73 -26.09
C SER A 496 -12.98 -8.20 -24.81
N THR A 497 -13.02 -6.88 -24.66
CA THR A 497 -12.53 -6.25 -23.45
C THR A 497 -13.50 -6.48 -22.31
N PRO A 498 -13.03 -6.45 -21.07
CA PRO A 498 -13.96 -6.46 -19.94
C PRO A 498 -14.88 -5.25 -20.00
N ILE A 499 -16.14 -5.46 -19.64
CA ILE A 499 -17.16 -4.42 -19.71
C ILE A 499 -17.91 -4.41 -18.40
N LEU A 500 -18.31 -3.22 -17.96
CA LEU A 500 -18.96 -3.04 -16.66
C LEU A 500 -20.41 -2.64 -16.90
N TYR A 501 -21.34 -3.47 -16.40
CA TYR A 501 -22.76 -3.25 -16.57
C TYR A 501 -23.39 -2.77 -15.26
N THR A 502 -24.17 -1.71 -15.35
CA THR A 502 -25.06 -1.28 -14.28
C THR A 502 -26.47 -1.20 -14.83
N ILE A 503 -27.42 -1.81 -14.13
CA ILE A 503 -28.80 -1.87 -14.57
C ILE A 503 -29.61 -0.91 -13.72
N LEU A 504 -29.91 0.26 -14.28
CA LEU A 504 -30.64 1.28 -13.56
C LEU A 504 -32.12 0.95 -13.51
N ARG A 505 -32.74 1.22 -12.35
CA ARG A 505 -34.18 1.00 -12.24
C ARG A 505 -34.93 1.90 -13.22
N GLU A 506 -34.50 3.15 -13.35
CA GLU A 506 -35.09 4.07 -14.32
C GLU A 506 -33.99 4.99 -14.83
N GLN A 507 -34.20 5.52 -16.03
CA GLN A 507 -33.21 6.41 -16.63
C GLN A 507 -33.09 7.69 -15.81
N ASP A 508 -31.85 8.07 -15.51
CA ASP A 508 -31.58 9.23 -14.68
C ASP A 508 -30.50 10.07 -15.33
N ALA A 509 -30.58 11.40 -15.13
CA ALA A 509 -29.58 12.29 -15.68
C ALA A 509 -28.20 11.99 -15.10
N GLU A 510 -28.13 11.77 -13.79
CA GLU A 510 -26.87 11.46 -13.13
C GLU A 510 -26.49 10.00 -13.21
N GLY A 511 -27.34 9.15 -13.79
CA GLY A 511 -27.05 7.74 -13.84
C GLY A 511 -25.72 7.43 -14.50
N GLN A 512 -25.47 8.06 -15.65
CA GLN A 512 -24.24 7.78 -16.38
C GLN A 512 -23.02 8.07 -15.53
N ASP A 513 -23.09 9.09 -14.68
CA ASP A 513 -21.94 9.40 -13.83
C ASP A 513 -21.57 8.23 -12.94
N TYR A 514 -22.56 7.53 -12.39
CA TYR A 514 -22.25 6.42 -11.50
C TYR A 514 -21.49 5.33 -12.25
N CYS A 515 -21.99 4.92 -13.41
CA CYS A 515 -21.32 3.86 -14.16
C CYS A 515 -19.93 4.31 -14.59
N THR A 516 -19.78 5.55 -15.03
CA THR A 516 -18.47 6.04 -15.43
C THR A 516 -17.48 5.99 -14.27
N ARG A 517 -17.85 6.59 -13.13
CA ARG A 517 -16.92 6.63 -12.01
C ARG A 517 -16.63 5.24 -11.47
N THR A 518 -17.63 4.35 -11.48
CA THR A 518 -17.39 2.99 -11.04
C THR A 518 -16.42 2.28 -11.96
N ALA A 519 -16.58 2.48 -13.27
CA ALA A 519 -15.61 1.93 -14.21
C ALA A 519 -14.23 2.49 -13.93
N PHE A 520 -14.17 3.79 -13.66
CA PHE A 520 -12.91 4.47 -13.36
C PHE A 520 -12.21 3.77 -12.20
N THR A 521 -12.93 3.63 -11.08
CA THR A 521 -12.31 3.11 -9.87
C THR A 521 -11.99 1.63 -9.99
N LEU A 522 -12.86 0.85 -10.62
CA LEU A 522 -12.56 -0.56 -10.83
C LEU A 522 -11.31 -0.73 -11.68
N LYS A 523 -11.19 0.07 -12.75
CA LYS A 523 -9.99 0.02 -13.57
C LYS A 523 -8.77 0.35 -12.73
N GLN A 524 -8.81 1.47 -12.01
CA GLN A 524 -7.65 1.89 -11.24
C GLN A 524 -7.24 0.80 -10.25
N LYS A 525 -8.22 0.19 -9.59
CA LYS A 525 -7.93 -0.83 -8.59
C LYS A 525 -7.38 -2.09 -9.23
N LEU A 526 -7.80 -2.39 -10.46
CA LEU A 526 -7.37 -3.62 -11.11
C LEU A 526 -5.88 -3.66 -11.38
N VAL A 527 -5.22 -2.51 -11.41
CA VAL A 527 -3.79 -2.45 -11.68
C VAL A 527 -2.99 -1.80 -10.56
N ASN A 528 -3.62 -1.03 -9.68
CA ASN A 528 -2.94 -0.56 -8.48
C ASN A 528 -2.97 -1.65 -7.41
N MET A 529 -4.17 -2.01 -6.96
CA MET A 529 -4.29 -3.08 -5.97
C MET A 529 -4.13 -4.44 -6.61
N GLY A 530 -4.62 -4.61 -7.83
CA GLY A 530 -4.61 -5.91 -8.47
C GLY A 530 -3.23 -6.44 -8.77
N GLY A 531 -2.28 -5.56 -9.10
CA GLY A 531 -0.98 -6.03 -9.52
C GLY A 531 -0.99 -6.75 -10.84
N TYR A 532 -1.69 -6.20 -11.84
CA TYR A 532 -1.79 -6.82 -13.15
C TYR A 532 -0.77 -6.17 -14.09
N THR A 533 0.34 -6.85 -14.35
CA THR A 533 1.33 -6.29 -15.25
C THR A 533 0.79 -6.11 -16.66
N GLY A 534 -0.28 -6.80 -17.02
CA GLY A 534 -0.75 -6.83 -18.39
C GLY A 534 -1.37 -5.52 -18.83
N LYS A 535 -2.22 -5.63 -19.84
CA LYS A 535 -2.79 -4.49 -20.55
C LYS A 535 -4.30 -4.60 -20.52
N VAL A 536 -4.95 -3.74 -19.75
CA VAL A 536 -6.35 -3.93 -19.39
C VAL A 536 -7.11 -2.62 -19.55
N CYS A 537 -8.35 -2.74 -20.00
CA CYS A 537 -9.25 -1.60 -20.09
C CYS A 537 -10.63 -2.03 -19.65
N VAL A 538 -11.42 -1.06 -19.18
CA VAL A 538 -12.78 -1.31 -18.71
C VAL A 538 -13.69 -0.26 -19.33
N ARG A 539 -14.89 -0.68 -19.70
CA ARG A 539 -15.85 0.17 -20.40
C ARG A 539 -17.18 0.16 -19.65
N ALA A 540 -17.86 1.29 -19.66
CA ALA A 540 -19.07 1.47 -18.88
C ALA A 540 -20.29 1.49 -19.79
N LYS A 541 -21.33 0.73 -19.41
CA LYS A 541 -22.58 0.67 -20.16
C LYS A 541 -23.73 0.85 -19.18
N VAL A 542 -24.64 1.76 -19.50
CA VAL A 542 -25.85 1.95 -18.70
C VAL A 542 -27.01 1.28 -19.41
N LEU A 543 -27.55 0.24 -18.79
CA LEU A 543 -28.74 -0.42 -19.29
C LEU A 543 -29.98 0.23 -18.67
N CYS A 544 -31.13 -0.41 -18.86
CA CYS A 544 -32.33 -0.02 -18.15
C CYS A 544 -33.40 -1.06 -18.41
N LEU A 545 -34.19 -1.36 -17.37
CA LEU A 545 -35.28 -2.29 -17.51
C LEU A 545 -36.45 -1.71 -18.28
N SER A 546 -36.57 -0.39 -18.34
CA SER A 546 -37.63 0.25 -19.11
C SER A 546 -37.52 -0.15 -20.58
N SER A 559 -19.63 7.45 -27.11
CA SER A 559 -18.43 7.89 -27.79
C SER A 559 -17.20 7.62 -26.94
N PRO A 560 -16.87 6.35 -26.76
CA PRO A 560 -15.70 5.99 -25.96
C PRO A 560 -14.41 6.10 -26.77
N MET A 561 -13.30 5.85 -26.10
CA MET A 561 -12.04 5.68 -26.79
C MET A 561 -11.98 4.28 -27.38
N ASP A 562 -11.79 4.20 -28.69
CA ASP A 562 -11.83 2.91 -29.39
C ASP A 562 -10.58 2.10 -29.06
N TYR A 563 -10.50 1.65 -27.83
CA TYR A 563 -9.27 1.03 -27.40
C TYR A 563 -8.68 0.15 -28.41
N PRO A 564 -7.42 0.21 -28.57
CA PRO A 564 -6.79 -0.57 -29.64
C PRO A 564 -7.04 -2.06 -29.55
N ALA A 565 -6.77 -2.76 -30.65
CA ALA A 565 -7.16 -4.15 -30.76
C ALA A 565 -6.42 -5.06 -29.79
N SER A 566 -5.31 -4.61 -29.23
CA SER A 566 -4.53 -5.49 -28.36
C SER A 566 -5.03 -5.54 -26.92
N TYR A 567 -6.01 -4.73 -26.54
CA TYR A 567 -6.46 -4.74 -25.16
C TYR A 567 -7.58 -5.73 -24.91
N SER A 568 -7.84 -6.68 -25.81
CA SER A 568 -8.91 -7.65 -25.66
C SER A 568 -8.34 -9.03 -25.36
N LEU A 569 -8.99 -9.75 -24.45
CA LEU A 569 -8.44 -10.97 -23.88
C LEU A 569 -8.36 -12.05 -24.95
N ALA A 570 -7.13 -12.45 -25.29
CA ALA A 570 -6.91 -13.26 -26.46
C ALA A 570 -6.93 -14.76 -26.19
N GLY A 571 -7.16 -15.19 -24.96
CA GLY A 571 -7.17 -16.61 -24.69
C GLY A 571 -7.36 -16.91 -23.21
N THR A 572 -7.24 -18.20 -22.92
CA THR A 572 -7.47 -18.67 -21.55
C THR A 572 -6.47 -18.07 -20.58
N GLN A 573 -5.19 -18.02 -20.97
CA GLN A 573 -4.15 -17.59 -20.04
C GLN A 573 -4.42 -16.16 -19.56
N HIS A 574 -4.71 -15.24 -20.47
CA HIS A 574 -4.89 -13.85 -20.07
C HIS A 574 -6.19 -13.65 -19.31
N MET A 575 -7.26 -14.35 -19.69
CA MET A 575 -8.49 -14.27 -18.90
C MET A 575 -8.23 -14.73 -17.48
N GLU A 576 -7.49 -15.83 -17.32
CA GLU A 576 -7.19 -16.32 -15.98
C GLU A 576 -6.34 -15.33 -15.21
N ALA A 577 -5.38 -14.67 -15.88
CA ALA A 577 -4.58 -13.67 -15.19
C ALA A 577 -5.45 -12.52 -14.70
N LEU A 578 -6.36 -12.03 -15.54
CA LEU A 578 -7.21 -10.92 -15.13
C LEU A 578 -8.16 -11.34 -14.01
N LEU A 579 -8.69 -12.56 -14.07
CA LEU A 579 -9.55 -13.02 -13.00
C LEU A 579 -8.78 -13.16 -11.69
N GLN A 580 -7.54 -13.65 -11.76
CA GLN A 580 -6.72 -13.75 -10.57
C GLN A 580 -6.44 -12.39 -9.97
N SER A 581 -6.18 -11.38 -10.80
CA SER A 581 -5.96 -10.05 -10.28
C SER A 581 -7.26 -9.32 -9.95
N LEU A 582 -8.42 -9.91 -10.24
CA LEU A 582 -9.67 -9.46 -9.64
C LEU A 582 -9.92 -10.13 -8.30
N VAL A 583 -9.43 -11.35 -8.15
CA VAL A 583 -9.50 -12.05 -6.86
C VAL A 583 -8.85 -11.20 -5.78
N ILE A 584 -7.73 -10.56 -6.10
CA ILE A 584 -7.02 -9.75 -5.12
C ILE A 584 -7.68 -8.39 -4.93
N VAL A 585 -8.48 -7.92 -5.89
CA VAL A 585 -9.27 -6.72 -5.66
C VAL A 585 -10.39 -7.00 -4.67
N LEU A 586 -11.03 -8.17 -4.80
CA LEU A 586 -12.21 -8.46 -3.98
C LEU A 586 -11.86 -9.05 -2.62
N LEU A 587 -11.05 -10.10 -2.60
CA LEU A 587 -10.73 -10.85 -1.39
C LEU A 587 -9.55 -10.27 -0.62
N GLY A 588 -9.11 -9.06 -0.94
CA GLY A 588 -7.98 -8.46 -0.25
C GLY A 588 -8.44 -7.49 0.82
N PHE A 589 -7.79 -7.55 1.98
CA PHE A 589 -8.09 -6.65 3.07
C PHE A 589 -6.80 -6.28 3.79
N ARG A 590 -6.82 -5.11 4.44
CA ARG A 590 -5.62 -4.56 5.06
C ARG A 590 -5.25 -5.42 6.26
N SER A 591 -4.15 -6.15 6.16
CA SER A 591 -3.79 -7.10 7.20
C SER A 591 -3.50 -6.38 8.51
N LEU A 592 -3.55 -7.14 9.60
CA LEU A 592 -3.17 -6.59 10.91
C LEU A 592 -1.65 -6.49 11.06
N LEU A 593 -0.89 -7.08 10.14
CA LEU A 593 0.56 -6.93 10.17
C LEU A 593 1.00 -5.53 9.75
N SER A 594 0.08 -4.71 9.24
CA SER A 594 0.41 -3.32 8.94
C SER A 594 0.80 -2.55 10.19
N ASP A 595 0.30 -2.96 11.35
CA ASP A 595 0.74 -2.36 12.60
C ASP A 595 2.19 -2.71 12.92
N GLN A 596 2.57 -3.98 12.74
CA GLN A 596 3.92 -4.42 13.10
C GLN A 596 4.95 -4.02 12.05
N LEU A 597 4.51 -3.69 10.84
CA LEU A 597 5.43 -3.40 9.75
C LEU A 597 5.37 -1.97 9.24
N GLY A 598 4.24 -1.29 9.41
CA GLY A 598 4.10 0.07 8.93
C GLY A 598 3.56 0.16 7.52
N CYS A 599 3.95 -0.77 6.67
CA CYS A 599 3.48 -0.78 5.29
C CYS A 599 2.14 -1.50 5.20
N GLU A 600 1.27 -0.96 4.34
CA GLU A 600 -0.10 -1.47 4.22
C GLU A 600 -0.11 -2.80 3.46
N VAL A 601 0.32 -3.85 4.16
CA VAL A 601 0.32 -5.18 3.56
C VAL A 601 -1.10 -5.71 3.52
N LEU A 602 -1.54 -6.13 2.34
CA LEU A 602 -2.86 -6.69 2.17
C LEU A 602 -2.84 -8.20 2.39
N ASN A 603 -4.01 -8.76 2.67
CA ASN A 603 -4.12 -10.19 2.92
C ASN A 603 -5.39 -10.71 2.26
N LEU A 604 -5.40 -12.01 1.97
CA LEU A 604 -6.47 -12.64 1.21
C LEU A 604 -7.42 -13.41 2.12
N LEU A 605 -8.71 -13.13 1.99
CA LEU A 605 -9.72 -13.80 2.78
C LEU A 605 -9.77 -15.30 2.45
N THR A 606 -10.66 -16.00 3.13
CA THR A 606 -10.98 -17.37 2.77
C THR A 606 -12.32 -17.41 2.04
N ALA A 607 -12.63 -18.59 1.50
CA ALA A 607 -13.91 -18.73 0.80
C ALA A 607 -15.08 -18.48 1.74
N GLN A 608 -15.06 -19.08 2.93
CA GLN A 608 -16.16 -18.92 3.87
C GLN A 608 -16.39 -17.47 4.29
N GLN A 609 -15.30 -16.78 4.63
CA GLN A 609 -15.44 -15.40 5.06
C GLN A 609 -15.93 -14.51 3.93
N TYR A 610 -15.48 -14.78 2.70
CA TYR A 610 -15.97 -14.00 1.59
C TYR A 610 -17.46 -14.25 1.42
N GLU A 611 -17.88 -15.51 1.55
CA GLU A 611 -19.29 -15.84 1.46
C GLU A 611 -20.09 -15.04 2.48
N ILE A 612 -19.59 -14.98 3.71
CA ILE A 612 -20.26 -14.19 4.75
C ILE A 612 -20.28 -12.72 4.36
N PHE A 613 -19.14 -12.20 3.89
CA PHE A 613 -19.00 -10.77 3.68
C PHE A 613 -19.85 -10.28 2.52
N SER A 614 -20.12 -11.16 1.55
CA SER A 614 -20.82 -10.74 0.34
C SER A 614 -22.28 -10.44 0.58
N ARG A 615 -22.86 -10.92 1.68
CA ARG A 615 -24.29 -10.76 1.90
C ARG A 615 -24.65 -9.28 1.89
N SER A 616 -25.77 -8.96 1.23
CA SER A 616 -26.23 -7.58 1.19
C SER A 616 -26.63 -7.12 2.58
N LEU A 617 -26.57 -5.81 2.81
CA LEU A 617 -26.91 -5.28 4.12
C LEU A 617 -28.38 -4.89 4.21
N ARG A 618 -28.94 -4.32 3.14
CA ARG A 618 -30.31 -3.85 3.22
C ARG A 618 -31.30 -5.01 3.34
N LYS A 619 -30.84 -6.24 3.14
CA LYS A 619 -31.69 -7.42 3.28
C LYS A 619 -31.33 -8.27 4.50
N ASN A 620 -30.30 -7.89 5.26
CA ASN A 620 -29.79 -8.70 6.37
C ASN A 620 -29.57 -7.80 7.60
N ARG A 621 -30.60 -7.04 7.95
CA ARG A 621 -30.49 -6.10 9.05
C ARG A 621 -30.02 -6.78 10.33
N GLU A 622 -30.25 -8.09 10.48
CA GLU A 622 -29.77 -8.84 11.62
C GLU A 622 -29.06 -10.10 11.15
N LEU A 623 -28.10 -10.56 11.94
CA LEU A 623 -27.40 -11.80 11.64
C LEU A 623 -26.56 -12.19 12.84
N PHE A 624 -26.70 -13.44 13.29
CA PHE A 624 -25.92 -13.96 14.41
C PHE A 624 -24.82 -14.85 13.86
N VAL A 625 -23.73 -14.23 13.41
CA VAL A 625 -22.62 -15.00 12.88
C VAL A 625 -22.04 -15.88 13.97
N HIS A 626 -21.57 -17.06 13.59
CA HIS A 626 -20.88 -17.96 14.49
C HIS A 626 -19.45 -18.14 14.01
N GLY A 627 -18.75 -19.06 14.65
CA GLY A 627 -17.42 -19.44 14.19
C GLY A 627 -16.55 -19.78 15.37
N LEU A 628 -15.48 -20.50 15.07
CA LEU A 628 -14.55 -20.87 16.11
C LEU A 628 -13.85 -19.62 16.64
N PRO A 629 -13.23 -19.70 17.81
CA PRO A 629 -12.42 -18.57 18.29
C PRO A 629 -11.11 -18.51 17.52
N GLY A 630 -10.75 -17.30 17.09
CA GLY A 630 -9.59 -17.14 16.24
C GLY A 630 -9.83 -17.53 14.80
N SER A 631 -11.01 -17.27 14.28
CA SER A 631 -11.36 -17.65 12.92
C SER A 631 -11.57 -16.48 11.99
N GLY A 632 -11.73 -15.27 12.52
CA GLY A 632 -11.88 -14.09 11.70
C GLY A 632 -13.05 -13.20 12.04
N LYS A 633 -13.81 -13.52 13.09
CA LYS A 633 -14.98 -12.71 13.42
C LYS A 633 -14.61 -11.24 13.53
N THR A 634 -13.47 -10.94 14.15
CA THR A 634 -13.08 -9.55 14.32
C THR A 634 -12.82 -8.89 12.97
N ILE A 635 -12.21 -9.62 12.04
CA ILE A 635 -11.92 -9.06 10.71
C ILE A 635 -13.22 -8.64 10.05
N MET A 636 -14.19 -9.53 10.01
CA MET A 636 -15.43 -9.24 9.29
C MET A 636 -16.22 -8.17 10.03
N ALA A 637 -16.09 -8.14 11.36
CA ALA A 637 -16.69 -7.05 12.10
C ALA A 637 -16.11 -5.71 11.63
N MET A 638 -14.80 -5.58 11.62
CA MET A 638 -14.18 -4.31 11.20
C MET A 638 -14.60 -3.96 9.78
N LYS A 639 -14.58 -4.93 8.87
CA LYS A 639 -14.96 -4.69 7.49
C LYS A 639 -16.38 -4.15 7.41
N ILE A 640 -17.26 -4.66 8.27
CA ILE A 640 -18.67 -4.32 8.14
C ILE A 640 -18.97 -2.91 8.60
N MET A 641 -18.16 -2.34 9.51
CA MET A 641 -18.39 -0.92 9.79
C MET A 641 -17.98 -0.02 8.62
N GLU A 642 -17.07 -0.47 7.76
CA GLU A 642 -16.81 0.26 6.53
C GLU A 642 -17.94 0.07 5.54
N LYS A 643 -18.41 -1.17 5.39
CA LYS A 643 -19.48 -1.43 4.44
C LYS A 643 -20.76 -0.69 4.83
N ILE A 644 -21.09 -0.66 6.12
CA ILE A 644 -22.28 0.06 6.57
C ILE A 644 -22.14 1.54 6.26
N ARG A 645 -20.96 2.10 6.58
CA ARG A 645 -20.72 3.51 6.29
C ARG A 645 -20.94 3.80 4.82
N ASN A 646 -20.44 2.92 3.95
CA ASN A 646 -20.64 3.10 2.52
C ASN A 646 -22.13 3.05 2.17
N VAL A 647 -22.80 1.98 2.59
CA VAL A 647 -24.14 1.70 2.08
C VAL A 647 -25.15 2.74 2.58
N PHE A 648 -25.16 3.00 3.88
CA PHE A 648 -26.24 3.77 4.50
C PHE A 648 -25.98 5.27 4.54
N HIS A 649 -24.86 5.74 3.99
CA HIS A 649 -24.52 7.16 3.95
C HIS A 649 -24.32 7.77 5.32
N CYS A 650 -24.13 6.95 6.36
CA CYS A 650 -24.01 7.46 7.72
C CYS A 650 -22.57 7.85 8.02
N GLU A 651 -22.42 8.87 8.86
CA GLU A 651 -21.09 9.26 9.32
C GLU A 651 -20.47 8.13 10.11
N ALA A 652 -19.13 8.09 10.12
CA ALA A 652 -18.44 6.97 10.75
C ALA A 652 -18.64 6.93 12.25
N HIS A 653 -19.12 8.01 12.86
CA HIS A 653 -19.30 8.05 14.31
C HIS A 653 -20.66 7.52 14.76
N ARG A 654 -21.61 7.30 13.86
CA ARG A 654 -22.90 6.74 14.24
C ARG A 654 -22.88 5.22 14.33
N ILE A 655 -21.92 4.56 13.72
CA ILE A 655 -21.77 3.11 13.86
C ILE A 655 -21.10 2.85 15.19
N LEU A 656 -21.72 2.01 16.02
CA LEU A 656 -21.25 1.75 17.37
C LEU A 656 -20.79 0.31 17.48
N TYR A 657 -19.58 0.12 17.98
CA TYR A 657 -19.06 -1.20 18.28
C TYR A 657 -19.31 -1.49 19.75
N VAL A 658 -19.23 -2.77 20.13
CA VAL A 658 -19.45 -3.17 21.52
C VAL A 658 -18.59 -4.39 21.82
N CYS A 659 -18.12 -4.49 23.06
CA CYS A 659 -17.30 -5.62 23.48
C CYS A 659 -17.24 -5.66 25.00
N GLU A 660 -16.48 -6.64 25.51
CA GLU A 660 -16.45 -6.93 26.93
C GLU A 660 -15.16 -6.43 27.58
N ASN A 661 -14.03 -6.55 26.89
CA ASN A 661 -12.72 -6.35 27.46
C ASN A 661 -12.20 -4.99 27.03
N GLN A 662 -11.69 -4.22 27.99
CA GLN A 662 -11.08 -2.94 27.65
C GLN A 662 -9.93 -3.08 26.68
N PRO A 663 -9.04 -4.09 26.81
CA PRO A 663 -7.95 -4.21 25.84
C PRO A 663 -8.43 -4.34 24.39
N LEU A 664 -9.50 -5.09 24.16
CA LEU A 664 -10.00 -5.23 22.80
C LEU A 664 -10.54 -3.90 22.29
N ARG A 665 -11.32 -3.21 23.12
CA ARG A 665 -11.85 -1.91 22.70
C ARG A 665 -10.73 -0.91 22.45
N ASN A 666 -9.65 -1.00 23.21
CA ASN A 666 -8.47 -0.18 22.91
C ASN A 666 -7.90 -0.55 21.54
N PHE A 667 -7.74 -1.84 21.28
CA PHE A 667 -7.22 -2.30 20.00
C PHE A 667 -8.08 -1.88 18.83
N ILE A 668 -9.37 -1.62 19.06
CA ILE A 668 -10.27 -1.20 17.98
C ILE A 668 -10.69 0.26 18.08
N SER A 669 -10.49 0.92 19.22
CA SER A 669 -10.92 2.32 19.33
C SER A 669 -10.11 3.23 18.42
N ASP A 670 -8.82 2.97 18.27
CA ASP A 670 -7.93 3.90 17.58
C ASP A 670 -8.17 3.97 16.08
N ARG A 671 -8.75 2.94 15.47
CA ARG A 671 -8.98 2.96 14.03
C ARG A 671 -9.86 4.12 13.60
N ASN A 672 -10.65 4.67 14.51
CA ASN A 672 -11.49 5.83 14.23
C ASN A 672 -12.50 5.55 13.11
N ILE A 673 -12.71 4.27 12.78
CA ILE A 673 -13.74 3.92 11.81
C ILE A 673 -15.12 3.83 12.45
N CYS A 674 -15.22 4.08 13.75
CA CYS A 674 -16.45 3.84 14.48
C CYS A 674 -16.33 4.46 15.86
N ARG A 675 -17.46 4.57 16.54
CA ARG A 675 -17.45 4.81 17.98
C ARG A 675 -17.45 3.47 18.70
N ALA A 676 -16.73 3.40 19.81
CA ALA A 676 -16.52 2.12 20.48
C ALA A 676 -16.92 2.22 21.94
N GLU A 677 -17.27 1.07 22.53
CA GLU A 677 -17.74 1.00 23.90
C GLU A 677 -17.40 -0.37 24.47
N THR A 678 -17.79 -0.58 25.73
CA THR A 678 -17.88 -1.89 26.35
C THR A 678 -19.25 -2.03 27.00
N ARG A 679 -19.65 -3.28 27.21
CA ARG A 679 -21.03 -3.57 27.55
C ARG A 679 -21.52 -2.77 28.76
N LYS A 680 -20.64 -2.54 29.74
CA LYS A 680 -21.05 -1.79 30.92
C LYS A 680 -21.47 -0.37 30.53
N THR A 681 -20.53 0.42 30.00
CA THR A 681 -20.89 1.75 29.52
C THR A 681 -21.96 1.68 28.45
N PHE A 682 -22.01 0.56 27.72
CA PHE A 682 -23.05 0.41 26.70
C PHE A 682 -24.43 0.50 27.33
N LEU A 683 -24.64 -0.19 28.45
CA LEU A 683 -25.89 -0.03 29.18
C LEU A 683 -26.00 1.34 29.82
N ARG A 684 -24.89 1.84 30.36
CA ARG A 684 -24.92 3.12 31.08
C ARG A 684 -25.27 4.28 30.16
N GLU A 685 -24.69 4.32 28.96
CA GLU A 685 -24.81 5.46 28.08
C GLU A 685 -26.17 5.48 27.38
N ASN A 686 -26.59 6.69 26.98
CA ASN A 686 -27.80 6.89 26.19
C ASN A 686 -27.37 7.14 24.74
N PHE A 687 -27.47 6.10 23.92
CA PHE A 687 -27.04 6.17 22.54
C PHE A 687 -28.16 6.68 21.62
N GLU A 688 -28.48 7.97 21.71
CA GLU A 688 -29.54 8.50 20.87
C GLU A 688 -29.07 8.81 19.46
N HIS A 689 -27.77 8.86 19.22
CA HIS A 689 -27.23 9.14 17.90
C HIS A 689 -26.69 7.90 17.20
N ILE A 690 -26.82 6.73 17.80
CA ILE A 690 -26.37 5.50 17.15
C ILE A 690 -27.46 5.00 16.20
N GLN A 691 -27.04 4.45 15.07
CA GLN A 691 -27.96 3.90 14.09
C GLN A 691 -27.55 2.53 13.60
N HIS A 692 -26.41 1.99 14.04
CA HIS A 692 -25.97 0.67 13.62
C HIS A 692 -25.02 0.13 14.67
N ILE A 693 -25.19 -1.15 15.02
CA ILE A 693 -24.44 -1.77 16.09
C ILE A 693 -23.81 -3.06 15.57
N VAL A 694 -22.57 -3.32 15.96
CA VAL A 694 -21.90 -4.57 15.64
C VAL A 694 -21.31 -5.11 16.93
N ILE A 695 -21.93 -6.14 17.48
CA ILE A 695 -21.56 -6.70 18.77
C ILE A 695 -20.61 -7.85 18.52
N ASP A 696 -19.46 -7.83 19.18
CA ASP A 696 -18.42 -8.81 18.96
C ASP A 696 -18.19 -9.63 20.21
N GLU A 697 -17.58 -10.80 20.03
CA GLU A 697 -17.28 -11.71 21.14
C GLU A 697 -18.46 -11.77 22.12
N ALA A 698 -19.68 -11.78 21.59
CA ALA A 698 -20.86 -11.63 22.43
C ALA A 698 -20.92 -12.67 23.53
N GLN A 699 -20.38 -13.87 23.31
CA GLN A 699 -20.61 -14.94 24.27
C GLN A 699 -20.01 -14.64 25.64
N ASN A 700 -19.16 -13.63 25.73
CA ASN A 700 -18.58 -13.22 27.01
C ASN A 700 -19.36 -12.11 27.68
N PHE A 701 -20.56 -11.79 27.18
CA PHE A 701 -21.40 -10.82 27.85
C PHE A 701 -22.08 -11.43 29.08
N ARG A 702 -22.73 -10.55 29.83
CA ARG A 702 -23.44 -10.99 31.03
C ARG A 702 -24.60 -10.01 31.39
N THR A 703 -25.66 -10.51 32.01
CA THR A 703 -26.82 -9.72 32.38
C THR A 703 -26.65 -8.97 33.68
N GLU A 704 -25.46 -9.04 34.31
CA GLU A 704 -25.32 -8.57 35.68
C GLU A 704 -25.69 -7.11 35.85
N ASP A 705 -25.66 -6.30 34.78
CA ASP A 705 -26.06 -4.92 34.85
C ASP A 705 -27.38 -4.66 34.14
N GLY A 706 -27.99 -5.67 33.54
CA GLY A 706 -29.24 -5.50 32.83
C GLY A 706 -29.30 -6.35 31.58
N ASP A 707 -30.04 -5.89 30.58
CA ASP A 707 -30.15 -6.58 29.29
C ASP A 707 -29.52 -5.72 28.21
N TRP A 708 -28.65 -6.32 27.41
CA TRP A 708 -28.00 -5.59 26.33
C TRP A 708 -28.70 -5.85 25.00
N TYR A 709 -29.22 -7.07 24.79
CA TYR A 709 -29.86 -7.39 23.53
C TYR A 709 -31.12 -6.56 23.30
N GLY A 710 -31.94 -6.42 24.35
CA GLY A 710 -33.14 -5.63 24.21
C GLY A 710 -32.85 -4.19 23.87
N LYS A 711 -31.89 -3.58 24.56
CA LYS A 711 -31.53 -2.21 24.25
C LYS A 711 -30.91 -2.11 22.87
N ALA A 712 -30.15 -3.13 22.47
CA ALA A 712 -29.57 -3.13 21.12
C ALA A 712 -30.66 -3.05 20.07
N LYS A 713 -31.69 -3.87 20.21
CA LYS A 713 -32.82 -3.80 19.27
C LYS A 713 -33.54 -2.46 19.38
N SER A 714 -33.69 -1.94 20.61
CA SER A 714 -34.36 -0.67 20.77
C SER A 714 -33.65 0.44 20.01
N ILE A 715 -32.32 0.45 20.06
CA ILE A 715 -31.55 1.48 19.35
C ILE A 715 -31.62 1.23 17.85
N THR A 716 -31.22 0.04 17.41
CA THR A 716 -31.12 -0.20 15.97
C THR A 716 -32.44 0.04 15.28
N ARG A 717 -33.54 -0.42 15.88
CA ARG A 717 -34.85 -0.39 15.23
C ARG A 717 -35.56 0.94 15.37
N ARG A 718 -34.99 1.90 16.10
CA ARG A 718 -35.58 3.23 16.23
C ARG A 718 -35.00 4.23 15.25
N ALA A 719 -34.11 3.81 14.37
CA ALA A 719 -33.48 4.73 13.43
C ALA A 719 -34.52 5.37 12.52
N LYS A 720 -34.31 6.65 12.21
CA LYS A 720 -35.23 7.33 11.30
C LYS A 720 -35.23 6.71 9.92
N GLY A 721 -34.06 6.29 9.43
CA GLY A 721 -33.92 5.75 8.09
C GLY A 721 -34.20 4.27 7.97
N GLY A 722 -34.69 3.63 9.02
CA GLY A 722 -35.01 2.22 8.99
C GLY A 722 -34.05 1.40 9.82
N PRO A 723 -34.44 0.17 10.15
CA PRO A 723 -33.63 -0.65 11.06
C PRO A 723 -32.23 -0.87 10.54
N GLY A 724 -31.25 -0.36 11.27
CA GLY A 724 -29.86 -0.55 10.93
C GLY A 724 -29.36 -1.91 11.33
N ILE A 725 -28.12 -2.18 10.94
CA ILE A 725 -27.53 -3.50 11.14
C ILE A 725 -27.49 -3.82 12.63
N LEU A 726 -27.52 -5.10 12.97
CA LEU A 726 -27.28 -5.52 14.35
C LEU A 726 -26.46 -6.79 14.36
N TRP A 727 -25.44 -6.86 13.51
CA TRP A 727 -24.69 -8.11 13.39
C TRP A 727 -24.16 -8.52 14.75
N ILE A 728 -24.26 -9.80 15.05
CA ILE A 728 -23.72 -10.38 16.27
C ILE A 728 -22.67 -11.41 15.86
N PHE A 729 -21.54 -11.39 16.53
CA PHE A 729 -20.53 -12.41 16.38
C PHE A 729 -20.47 -13.17 17.69
N LEU A 730 -19.87 -14.35 17.66
CA LEU A 730 -19.79 -15.16 18.86
C LEU A 730 -19.04 -16.44 18.56
N ASP A 731 -18.88 -17.26 19.59
CA ASP A 731 -18.26 -18.56 19.46
C ASP A 731 -19.27 -19.63 19.81
N TYR A 732 -19.37 -20.65 18.98
CA TYR A 732 -20.30 -21.73 19.27
C TYR A 732 -19.65 -23.08 18.96
N PHE A 733 -18.41 -23.26 19.38
CA PHE A 733 -17.91 -24.62 19.48
C PHE A 733 -18.78 -25.40 20.47
N GLN A 734 -18.64 -26.72 20.45
CA GLN A 734 -19.57 -27.56 21.22
C GLN A 734 -19.29 -27.46 22.72
N THR A 735 -19.57 -26.29 23.30
CA THR A 735 -19.41 -26.09 24.73
C THR A 735 -20.50 -25.17 25.22
N SER A 736 -20.88 -25.36 26.49
CA SER A 736 -22.02 -24.65 27.05
C SER A 736 -21.80 -23.15 27.04
N HIS A 737 -22.82 -22.40 26.63
CA HIS A 737 -22.80 -20.96 26.78
C HIS A 737 -23.39 -20.55 28.12
N LEU A 738 -24.56 -21.09 28.45
CA LEU A 738 -25.21 -20.81 29.72
C LEU A 738 -25.57 -19.33 29.81
N ASP A 739 -25.94 -18.87 31.01
CA ASP A 739 -26.32 -17.48 31.24
C ASP A 739 -27.63 -17.15 30.52
N CYS A 740 -28.40 -16.22 31.08
CA CYS A 740 -29.66 -15.82 30.46
C CYS A 740 -29.44 -15.02 29.19
N SER A 741 -28.40 -14.19 29.14
CA SER A 741 -28.05 -13.46 27.92
C SER A 741 -26.67 -13.85 27.42
N GLY A 742 -26.26 -15.09 27.66
CA GLY A 742 -25.15 -15.67 26.92
C GLY A 742 -25.65 -16.05 25.55
N LEU A 743 -25.96 -15.04 24.74
CA LEU A 743 -26.66 -15.17 23.47
C LEU A 743 -28.11 -15.53 23.72
N PRO A 744 -29.06 -15.03 22.92
CA PRO A 744 -30.45 -15.43 23.07
C PRO A 744 -30.61 -16.93 22.86
N PRO A 745 -31.81 -17.47 23.06
CA PRO A 745 -31.99 -18.91 22.90
C PRO A 745 -31.53 -19.37 21.52
N LEU A 746 -30.80 -20.49 21.50
CA LEU A 746 -30.17 -20.94 20.27
C LEU A 746 -31.18 -21.13 19.14
N SER A 747 -32.41 -21.54 19.43
CA SER A 747 -33.43 -21.66 18.40
C SER A 747 -33.79 -20.31 17.79
N ASP A 748 -33.53 -19.21 18.50
CA ASP A 748 -33.79 -17.88 17.99
C ASP A 748 -32.58 -17.24 17.33
N GLN A 749 -31.43 -17.92 17.33
CA GLN A 749 -30.25 -17.39 16.67
C GLN A 749 -30.33 -17.61 15.16
N TYR A 750 -31.13 -16.79 14.48
CA TYR A 750 -31.28 -16.89 13.05
C TYR A 750 -31.52 -15.51 12.46
N PRO A 751 -31.03 -15.24 11.24
CA PRO A 751 -30.26 -16.11 10.34
C PRO A 751 -28.88 -16.40 10.92
N ARG A 752 -28.10 -17.29 10.34
CA ARG A 752 -26.85 -17.72 10.95
C ARG A 752 -25.81 -17.95 9.87
N GLU A 753 -24.54 -17.88 10.26
CA GLU A 753 -23.43 -18.14 9.36
C GLU A 753 -22.33 -18.80 10.16
N GLU A 754 -21.43 -19.49 9.46
CA GLU A 754 -20.43 -20.34 10.11
C GLU A 754 -19.05 -20.13 9.49
N LEU A 755 -18.18 -19.46 10.23
CA LEU A 755 -16.76 -19.38 9.91
C LEU A 755 -16.04 -20.54 10.60
N THR A 756 -15.87 -21.65 9.90
CA THR A 756 -15.50 -22.90 10.55
C THR A 756 -14.02 -23.26 10.44
N ARG A 757 -13.12 -22.28 10.52
CA ARG A 757 -11.69 -22.57 10.43
C ARG A 757 -10.91 -21.71 11.41
N ILE A 758 -9.91 -22.32 12.04
CA ILE A 758 -8.97 -21.62 12.91
C ILE A 758 -7.72 -21.28 12.12
N VAL A 759 -7.73 -20.11 11.48
CA VAL A 759 -6.58 -19.67 10.71
C VAL A 759 -5.42 -19.32 11.63
N ARG A 760 -5.71 -18.75 12.79
CA ARG A 760 -4.67 -18.14 13.61
C ARG A 760 -3.56 -19.14 13.95
N ASN A 761 -3.88 -20.17 14.71
CA ASN A 761 -2.86 -20.95 15.38
C ASN A 761 -2.14 -21.88 14.41
N ALA A 762 -1.08 -22.50 14.89
CA ALA A 762 -0.31 -23.42 14.07
C ALA A 762 -0.95 -24.80 14.08
N ASP A 763 -0.23 -25.78 13.57
CA ASP A 763 -0.76 -27.14 13.48
C ASP A 763 -0.90 -27.81 14.84
N PRO A 764 0.17 -28.03 15.62
CA PRO A 764 -0.03 -28.68 16.92
C PRO A 764 -1.02 -27.94 17.81
N ILE A 765 -0.99 -26.62 17.81
CA ILE A 765 -1.96 -25.86 18.60
C ILE A 765 -3.36 -26.09 18.09
N ALA A 766 -3.56 -26.11 16.77
CA ALA A 766 -4.85 -26.46 16.23
C ALA A 766 -5.23 -27.89 16.59
N LYS A 767 -4.26 -28.82 16.45
CA LYS A 767 -4.55 -30.22 16.77
C LYS A 767 -4.92 -30.39 18.24
N TYR A 768 -4.12 -29.82 19.13
CA TYR A 768 -4.46 -29.85 20.56
C TYR A 768 -5.72 -29.06 20.84
N LEU A 769 -5.88 -27.89 20.21
CA LEU A 769 -7.05 -27.08 20.49
C LEU A 769 -8.32 -27.80 20.08
N GLN A 770 -8.29 -28.58 19.00
CA GLN A 770 -9.48 -29.34 18.60
C GLN A 770 -9.86 -30.33 19.68
N LYS A 771 -8.88 -31.07 20.21
CA LYS A 771 -9.17 -32.07 21.24
C LYS A 771 -9.93 -31.44 22.40
N GLU A 772 -9.51 -30.26 22.84
CA GLU A 772 -10.17 -29.60 23.95
C GLU A 772 -11.56 -29.10 23.59
N MET A 773 -11.76 -28.62 22.37
CA MET A 773 -13.10 -28.22 21.95
C MET A 773 -14.08 -29.38 21.95
N GLN A 774 -13.59 -30.62 21.86
CA GLN A 774 -14.46 -31.79 21.89
C GLN A 774 -15.36 -31.75 23.12
N GLY A 800 -0.09 -27.18 8.36
CA GLY A 800 0.25 -26.16 7.38
C GLY A 800 1.32 -25.21 7.86
N VAL A 801 1.44 -25.07 9.17
CA VAL A 801 2.45 -24.22 9.80
C VAL A 801 2.99 -24.94 11.02
N GLN A 802 4.29 -24.77 11.26
CA GLN A 802 4.92 -25.43 12.41
C GLN A 802 4.77 -24.58 13.66
N GLY A 803 4.97 -25.23 14.81
CA GLY A 803 4.84 -24.57 16.09
C GLY A 803 5.29 -25.53 17.18
N THR A 804 5.10 -25.10 18.42
CA THR A 804 5.48 -25.93 19.56
C THR A 804 4.43 -25.83 20.65
N LEU A 805 4.09 -26.98 21.22
CA LEU A 805 3.17 -27.08 22.35
C LEU A 805 3.89 -27.73 23.51
N ARG A 806 3.91 -27.07 24.66
CA ARG A 806 4.64 -27.54 25.82
C ARG A 806 3.77 -27.39 27.05
N ILE A 807 3.34 -28.52 27.62
CA ILE A 807 2.63 -28.56 28.88
C ILE A 807 3.57 -29.12 29.93
N LYS A 808 3.75 -28.38 31.03
CA LYS A 808 4.59 -28.82 32.12
C LYS A 808 3.78 -28.81 33.41
N LYS A 809 4.00 -29.83 34.24
CA LYS A 809 3.24 -30.02 35.46
C LYS A 809 4.18 -30.30 36.62
N TYR A 810 3.68 -30.06 37.83
CA TYR A 810 4.37 -30.38 39.07
C TYR A 810 5.67 -29.60 39.22
N LEU A 811 5.76 -28.44 38.59
CA LEU A 811 6.91 -27.57 38.78
C LEU A 811 6.58 -26.45 39.76
N THR A 812 7.53 -26.12 40.62
CA THR A 812 7.36 -25.05 41.56
C THR A 812 7.29 -23.70 40.82
N VAL A 813 6.68 -22.72 41.48
CA VAL A 813 6.59 -21.39 40.89
C VAL A 813 7.98 -20.86 40.57
N GLU A 814 8.94 -21.13 41.47
CA GLU A 814 10.34 -20.80 41.18
C GLU A 814 10.80 -21.46 39.89
N GLN A 815 10.60 -22.77 39.78
CA GLN A 815 11.02 -23.47 38.56
C GLN A 815 10.24 -22.98 37.35
N ILE A 816 8.95 -22.68 37.52
CA ILE A 816 8.15 -22.20 36.40
C ILE A 816 8.72 -20.88 35.87
N MET A 817 9.04 -19.97 36.79
CA MET A 817 9.57 -18.68 36.36
C MET A 817 10.97 -18.82 35.76
N THR A 818 11.79 -19.71 36.30
CA THR A 818 13.09 -19.97 35.68
C THR A 818 12.90 -20.48 34.25
N CYS A 819 11.97 -21.40 34.05
CA CYS A 819 11.75 -21.95 32.71
C CYS A 819 11.25 -20.90 31.74
N VAL A 820 10.32 -20.03 32.18
CA VAL A 820 9.81 -19.02 31.27
C VAL A 820 10.90 -18.02 30.92
N ALA A 821 11.72 -17.62 31.90
CA ALA A 821 12.84 -16.72 31.60
C ALA A 821 13.80 -17.37 30.61
N ASP A 822 14.12 -18.66 30.82
CA ASP A 822 15.02 -19.34 29.90
C ASP A 822 14.45 -19.42 28.50
N THR A 823 13.14 -19.65 28.38
CA THR A 823 12.52 -19.74 27.07
C THR A 823 12.48 -18.38 26.38
N CYS A 824 12.22 -17.31 27.13
CA CYS A 824 12.28 -15.98 26.54
C CYS A 824 13.69 -15.69 26.03
N ARG A 825 14.71 -16.06 26.81
CA ARG A 825 16.09 -15.95 26.33
C ARG A 825 16.27 -16.73 25.03
N ARG A 826 15.84 -17.98 25.02
CA ARG A 826 16.04 -18.82 23.84
C ARG A 826 15.39 -18.21 22.61
N PHE A 827 14.16 -17.72 22.74
CA PHE A 827 13.47 -17.17 21.58
C PHE A 827 14.08 -15.85 21.13
N PHE A 828 14.39 -14.95 22.06
CA PHE A 828 15.06 -13.72 21.66
C PHE A 828 16.40 -14.01 21.00
N ASP A 829 17.00 -15.15 21.32
CA ASP A 829 18.22 -15.57 20.63
C ASP A 829 17.92 -15.96 19.20
N ARG A 830 16.63 -16.08 18.85
CA ARG A 830 16.23 -16.47 17.51
C ARG A 830 15.34 -15.43 16.83
N GLY A 831 15.48 -14.17 17.21
CA GLY A 831 14.80 -13.09 16.52
C GLY A 831 13.49 -12.66 17.12
N TYR A 832 12.87 -13.47 17.96
CA TYR A 832 11.62 -13.05 18.60
C TYR A 832 11.88 -11.82 19.46
N SER A 833 10.97 -10.86 19.38
CA SER A 833 11.11 -9.60 20.07
C SER A 833 10.41 -9.65 21.42
N PRO A 834 10.59 -8.63 22.25
CA PRO A 834 9.81 -8.57 23.50
C PRO A 834 8.31 -8.57 23.25
N LYS A 835 7.87 -7.98 22.15
CA LYS A 835 6.45 -7.98 21.81
C LYS A 835 5.99 -9.32 21.26
N ASP A 836 6.90 -10.26 21.03
CA ASP A 836 6.58 -11.58 20.50
C ASP A 836 6.24 -12.60 21.57
N VAL A 837 6.09 -12.19 22.83
CA VAL A 837 5.87 -13.12 23.93
C VAL A 837 4.74 -12.60 24.80
N ALA A 838 4.09 -13.50 25.52
CA ALA A 838 3.07 -13.16 26.50
C ALA A 838 3.03 -14.22 27.60
N VAL A 839 2.80 -13.77 28.83
CA VAL A 839 2.64 -14.65 29.98
C VAL A 839 1.33 -14.26 30.65
N LEU A 840 0.40 -15.21 30.74
CA LEU A 840 -0.95 -14.95 31.22
C LEU A 840 -1.27 -15.79 32.45
N VAL A 841 -2.19 -15.28 33.25
CA VAL A 841 -2.58 -15.87 34.51
C VAL A 841 -4.10 -15.99 34.52
N SER A 842 -4.64 -16.46 35.65
CA SER A 842 -6.07 -16.72 35.74
C SER A 842 -6.87 -15.44 35.90
N THR A 843 -6.61 -14.68 36.98
CA THR A 843 -7.42 -13.53 37.32
C THR A 843 -6.54 -12.29 37.50
N ALA A 844 -7.19 -11.13 37.51
CA ALA A 844 -6.47 -9.88 37.72
C ALA A 844 -5.80 -9.81 39.08
N LYS A 845 -6.48 -10.22 40.14
CA LYS A 845 -5.90 -10.17 41.48
C LYS A 845 -4.70 -11.09 41.63
N GLU A 846 -4.53 -12.04 40.72
CA GLU A 846 -3.36 -12.91 40.72
C GLU A 846 -2.20 -12.31 39.93
N VAL A 847 -2.41 -11.16 39.28
CA VAL A 847 -1.38 -10.56 38.45
C VAL A 847 -0.24 -10.03 39.30
N GLU A 848 -0.56 -9.44 40.45
CA GLU A 848 0.44 -8.70 41.21
C GLU A 848 1.58 -9.60 41.67
N HIS A 849 1.26 -10.75 42.26
CA HIS A 849 2.31 -11.64 42.76
C HIS A 849 3.21 -12.12 41.63
N TYR A 850 2.60 -12.62 40.55
CA TYR A 850 3.39 -13.22 39.48
C TYR A 850 4.21 -12.17 38.73
N LYS A 851 3.72 -10.94 38.60
CA LYS A 851 4.53 -9.91 37.97
C LYS A 851 5.85 -9.74 38.71
N TYR A 852 5.79 -9.60 40.03
CA TYR A 852 7.00 -9.44 40.83
C TYR A 852 7.87 -10.68 40.73
N GLU A 853 7.24 -11.86 40.81
CA GLU A 853 8.01 -13.10 40.73
C GLU A 853 8.78 -13.18 39.43
N LEU A 854 8.14 -12.82 38.31
CA LEU A 854 8.78 -12.93 37.01
C LEU A 854 9.88 -11.88 36.86
N LEU A 855 9.61 -10.64 37.26
CA LEU A 855 10.65 -9.63 37.20
C LEU A 855 11.86 -10.04 38.04
N LYS A 856 11.63 -10.80 39.11
CA LYS A 856 12.76 -11.33 39.88
C LYS A 856 13.50 -12.41 39.09
N ALA A 857 12.78 -13.46 38.70
CA ALA A 857 13.44 -14.61 38.07
C ALA A 857 14.15 -14.21 36.79
N MET A 858 13.73 -13.11 36.16
CA MET A 858 14.40 -12.67 34.93
C MET A 858 15.74 -11.99 35.22
N ARG A 859 16.03 -11.68 36.47
CA ARG A 859 17.28 -10.99 36.80
C ARG A 859 18.48 -11.86 36.45
N LYS A 860 18.41 -13.16 36.71
CA LYS A 860 19.53 -14.04 36.45
C LYS A 860 20.00 -13.92 35.00
N LYS A 861 19.07 -13.77 34.06
CA LYS A 861 19.40 -13.55 32.66
C LYS A 861 19.43 -12.07 32.30
N ARG A 862 19.18 -11.19 33.26
CA ARG A 862 19.27 -9.74 33.04
C ARG A 862 18.33 -9.27 31.95
N VAL A 863 17.12 -9.85 31.91
CA VAL A 863 16.04 -9.29 31.12
C VAL A 863 15.26 -8.31 31.99
N VAL A 864 14.68 -7.30 31.37
CA VAL A 864 14.21 -6.13 32.11
C VAL A 864 12.75 -5.78 31.84
N GLN A 865 12.16 -6.21 30.74
CA GLN A 865 10.93 -5.63 30.24
C GLN A 865 9.71 -6.41 30.72
N LEU A 866 8.67 -5.68 31.13
CA LEU A 866 7.40 -6.28 31.50
C LEU A 866 6.35 -5.19 31.56
N SER A 867 5.25 -5.38 30.84
CA SER A 867 4.17 -4.41 30.83
C SER A 867 2.85 -5.15 30.61
N ASP A 868 1.76 -4.53 31.02
CA ASP A 868 0.46 -5.18 31.03
C ASP A 868 -0.08 -5.27 29.60
N ALA A 869 -1.34 -5.72 29.47
CA ALA A 869 -1.99 -5.75 28.16
C ALA A 869 -2.46 -4.38 27.72
N CYS A 870 -2.78 -3.50 28.67
CA CYS A 870 -3.22 -2.14 28.33
C CYS A 870 -2.13 -1.37 27.61
N ASP A 871 -0.88 -1.49 28.06
CA ASP A 871 0.25 -0.81 27.45
C ASP A 871 0.73 -1.56 26.21
N MET A 872 -0.13 -1.64 25.19
CA MET A 872 0.15 -2.45 24.02
C MET A 872 1.08 -1.76 23.01
N LEU A 873 1.33 -0.46 23.16
CA LEU A 873 2.13 0.25 22.18
C LEU A 873 3.62 -0.05 22.31
N GLY A 874 4.12 -0.27 23.52
CA GLY A 874 5.53 -0.49 23.73
C GLY A 874 5.94 -1.92 23.39
N ASP A 875 7.23 -2.09 23.09
CA ASP A 875 7.80 -3.40 22.78
C ASP A 875 8.20 -4.10 24.08
N HIS A 876 7.18 -4.54 24.82
CA HIS A 876 7.39 -5.18 26.11
C HIS A 876 6.54 -6.44 26.18
N ILE A 877 7.02 -7.41 26.97
CA ILE A 877 6.27 -8.63 27.19
C ILE A 877 4.96 -8.28 27.88
N VAL A 878 3.86 -8.86 27.39
CA VAL A 878 2.52 -8.52 27.84
C VAL A 878 2.04 -9.58 28.81
N LEU A 879 1.60 -9.15 29.99
CA LEU A 879 1.11 -10.05 31.03
C LEU A 879 -0.20 -9.49 31.57
N ASP A 880 -1.21 -10.35 31.67
CA ASP A 880 -2.53 -9.92 32.12
C ASP A 880 -3.40 -11.15 32.36
N SER A 881 -4.59 -10.90 32.90
CA SER A 881 -5.56 -11.96 33.10
C SER A 881 -6.26 -12.28 31.79
N VAL A 882 -6.50 -13.57 31.55
CA VAL A 882 -7.03 -14.02 30.27
C VAL A 882 -8.36 -13.35 29.97
N ARG A 883 -9.27 -13.31 30.94
CA ARG A 883 -10.55 -12.66 30.69
C ARG A 883 -10.35 -11.20 30.31
N ARG A 884 -9.42 -10.52 30.97
CA ARG A 884 -9.05 -9.17 30.56
C ARG A 884 -8.41 -9.17 29.18
N PHE A 885 -7.53 -10.14 28.92
CA PHE A 885 -6.74 -10.12 27.71
C PHE A 885 -7.52 -10.53 26.48
N SER A 886 -8.66 -11.20 26.64
CA SER A 886 -9.32 -11.82 25.50
C SER A 886 -9.65 -10.77 24.45
N GLY A 887 -9.33 -11.10 23.20
CA GLY A 887 -9.52 -10.21 22.07
C GLY A 887 -8.24 -9.91 21.30
N LEU A 888 -7.08 -10.18 21.86
CA LEU A 888 -5.79 -9.89 21.28
C LEU A 888 -5.00 -11.20 21.12
N GLU A 889 -3.70 -11.08 20.85
CA GLU A 889 -2.89 -12.27 20.61
C GLU A 889 -1.42 -11.89 20.49
N ARG A 890 -0.56 -12.88 20.72
CA ARG A 890 0.88 -12.70 20.61
C ARG A 890 1.49 -13.97 20.07
N SER A 891 2.71 -13.85 19.55
CA SER A 891 3.36 -14.98 18.89
C SER A 891 3.60 -16.13 19.84
N ILE A 892 3.99 -15.84 21.09
CA ILE A 892 4.21 -16.85 22.11
C ILE A 892 3.43 -16.45 23.35
N VAL A 893 2.73 -17.41 23.96
CA VAL A 893 1.92 -17.16 25.14
C VAL A 893 2.29 -18.18 26.21
N PHE A 894 2.52 -17.69 27.43
CA PHE A 894 2.78 -18.54 28.59
C PHE A 894 1.55 -18.51 29.51
N GLY A 895 1.12 -19.69 29.93
CA GLY A 895 -0.02 -19.79 30.82
C GLY A 895 0.37 -20.19 32.22
N ILE A 896 0.17 -19.28 33.17
CA ILE A 896 0.49 -19.52 34.57
C ILE A 896 -0.80 -19.88 35.30
N HIS A 897 -1.00 -21.17 35.54
CA HIS A 897 -2.15 -21.63 36.33
C HIS A 897 -3.55 -21.20 35.91
N PRO A 898 -3.97 -21.53 34.69
CA PRO A 898 -5.37 -21.24 34.34
C PRO A 898 -6.30 -22.11 35.16
N ARG A 899 -7.28 -21.49 35.81
CA ARG A 899 -8.14 -22.19 36.75
C ARG A 899 -9.49 -21.49 36.83
N THR A 900 -10.53 -22.27 37.08
CA THR A 900 -11.90 -21.75 37.14
C THR A 900 -12.12 -21.08 38.49
N ALA A 901 -11.52 -19.90 38.64
CA ALA A 901 -11.81 -19.09 39.82
C ALA A 901 -13.24 -18.57 39.80
N ASP A 902 -13.76 -18.23 38.62
CA ASP A 902 -15.13 -17.77 38.46
C ASP A 902 -15.71 -18.44 37.23
N PRO A 903 -16.44 -19.56 37.39
CA PRO A 903 -17.01 -20.23 36.21
C PRO A 903 -18.05 -19.41 35.48
N ALA A 904 -18.39 -18.21 35.97
CA ALA A 904 -19.22 -17.30 35.18
C ALA A 904 -18.52 -16.88 33.90
N ILE A 905 -17.21 -16.62 33.95
CA ILE A 905 -16.40 -16.63 32.74
C ILE A 905 -16.40 -18.05 32.20
N LEU A 906 -16.74 -18.20 30.92
CA LEU A 906 -17.04 -19.51 30.37
C LEU A 906 -16.03 -20.54 30.89
N PRO A 907 -16.48 -21.67 31.43
CA PRO A 907 -15.55 -22.55 32.17
C PRO A 907 -14.34 -22.96 31.38
N ASN A 908 -14.47 -23.14 30.06
CA ASN A 908 -13.33 -23.57 29.26
C ASN A 908 -12.35 -22.41 29.10
N VAL A 909 -11.56 -22.17 30.13
CA VAL A 909 -10.54 -21.13 30.05
C VAL A 909 -9.27 -21.67 29.39
N LEU A 910 -9.06 -22.99 29.44
CA LEU A 910 -7.91 -23.56 28.76
C LEU A 910 -8.00 -23.33 27.26
N ILE A 911 -9.20 -23.05 26.74
CA ILE A 911 -9.33 -22.69 25.34
C ILE A 911 -8.96 -21.23 25.13
N CYS A 912 -9.50 -20.34 25.97
CA CYS A 912 -9.15 -18.92 25.85
C CYS A 912 -7.67 -18.67 26.11
N LEU A 913 -6.97 -19.64 26.68
CA LEU A 913 -5.51 -19.54 26.79
C LEU A 913 -4.84 -20.05 25.52
N ALA A 914 -5.14 -21.30 25.14
CA ALA A 914 -4.45 -21.90 24.00
C ALA A 914 -4.86 -21.26 22.67
N SER A 915 -5.88 -20.41 22.67
CA SER A 915 -6.28 -19.76 21.42
C SER A 915 -5.52 -18.48 21.16
N ARG A 916 -4.68 -18.03 22.10
CA ARG A 916 -3.94 -16.79 21.90
C ARG A 916 -2.55 -17.01 21.33
N ALA A 917 -2.09 -18.26 21.22
CA ALA A 917 -0.72 -18.55 20.85
C ALA A 917 -0.63 -18.88 19.37
N LYS A 918 -0.18 -17.92 18.56
CA LYS A 918 -0.07 -18.18 17.12
C LYS A 918 0.84 -19.37 16.84
N GLN A 919 2.00 -19.41 17.46
CA GLN A 919 3.02 -20.36 17.05
C GLN A 919 3.66 -21.15 18.19
N HIS A 920 3.61 -20.68 19.43
CA HIS A 920 4.20 -21.40 20.55
C HIS A 920 3.35 -21.18 21.80
N LEU A 921 2.94 -22.28 22.43
CA LEU A 921 2.07 -22.24 23.60
C LEU A 921 2.77 -22.98 24.73
N TYR A 922 2.85 -22.34 25.89
CA TYR A 922 3.41 -22.93 27.10
C TYR A 922 2.35 -22.88 28.19
N ILE A 923 1.93 -24.05 28.67
CA ILE A 923 0.82 -24.17 29.60
C ILE A 923 1.35 -24.66 30.94
N PHE A 924 1.00 -23.95 32.01
CA PHE A 924 1.32 -24.33 33.39
C PHE A 924 0.01 -24.43 34.17
N PRO A 925 -0.64 -25.61 34.20
CA PRO A 925 -1.92 -25.76 34.89
C PRO A 925 -1.75 -25.85 36.41
MG MG B . -11.99 -12.12 17.71
PG ATP C . -10.93 -13.43 19.06
O1G ATP C . -11.21 -11.98 19.32
O2G ATP C . -9.69 -13.97 19.74
O3G ATP C . -12.12 -14.31 19.36
PB ATP C . -11.45 -13.85 16.20
O1B ATP C . -11.92 -15.25 16.08
O2B ATP C . -12.50 -12.76 16.16
O3B ATP C . -10.65 -13.65 17.53
PA ATP C . -9.70 -12.17 14.55
O1A ATP C . -10.52 -11.60 13.47
O2A ATP C . -9.48 -11.25 15.73
O3A ATP C . -10.35 -13.49 15.12
O5' ATP C . -8.30 -12.69 14.04
C5' ATP C . -8.03 -14.11 13.93
C4' ATP C . -6.61 -14.29 13.46
O4' ATP C . -6.60 -14.78 12.10
C3' ATP C . -5.78 -13.01 13.44
O3' ATP C . -4.41 -13.30 13.71
C2' ATP C . -5.97 -12.52 12.02
O2' ATP C . -4.90 -11.69 11.61
C1' ATP C . -5.96 -13.84 11.26
N9 ATP C . -6.65 -13.81 9.98
C8 ATP C . -7.86 -13.22 9.71
N7 ATP C . -8.24 -13.33 8.46
C5 ATP C . -7.20 -14.05 7.87
C6 ATP C . -7.00 -14.50 6.55
N6 ATP C . -7.85 -14.29 5.55
N1 ATP C . -5.86 -15.18 6.29
C2 ATP C . -5.00 -15.39 7.29
N3 ATP C . -5.09 -15.02 8.57
C4 ATP C . -6.22 -14.34 8.79
MG MG D . 37.40 20.74 -17.47
ZN ZN E . 23.94 9.34 5.26
#